data_3OJ3
#
_entry.id   3OJ3
#
_cell.length_a   42.830
_cell.length_b   170.030
_cell.length_c   66.239
_cell.angle_alpha   90.00
_cell.angle_beta   90.10
_cell.angle_gamma   90.00
#
_symmetry.space_group_name_H-M   'P 1 21 1'
#
loop_
_entity.id
_entity.type
_entity.pdbx_description
1 polymer Ubiquitin
2 polymer 'Tumor necrosis factor alpha-induced protein 3'
3 non-polymer 'ZINC ION'
4 water water
#
loop_
_entity_poly.entity_id
_entity_poly.type
_entity_poly.pdbx_seq_one_letter_code
_entity_poly.pdbx_strand_id
1 'polypeptide(L)' GSHMQIFVKTLTGKTITLEVEPSDTIENVKAKIQDKEGIPPDQQRLIFAGKQLEDGRTLSDYNIQKESTLHLVLRLRGG A,B,C,D,E,F,G,H
2 'polypeptide(L)' GSPEFSQAARTPGDRTGTSKCRKAGCVYFGTPENKGFCTLCFIEYRENK I,J,K,L,M,N,O,P
#
loop_
_chem_comp.id
_chem_comp.type
_chem_comp.name
_chem_comp.formula
ZN non-polymer 'ZINC ION' 'Zn 2'
#
# COMPACT_ATOMS: atom_id res chain seq x y z
N MET A 4 5.12 -7.50 20.23
CA MET A 4 6.48 -7.90 19.90
C MET A 4 7.51 -7.08 20.67
N GLN A 5 8.78 -7.42 20.48
CA GLN A 5 9.85 -6.82 21.26
C GLN A 5 11.15 -6.66 20.49
N ILE A 6 11.80 -5.51 20.69
CA ILE A 6 13.05 -5.16 20.01
C ILE A 6 14.13 -4.70 20.98
N PHE A 7 15.35 -4.55 20.48
CA PHE A 7 16.47 -4.13 21.31
C PHE A 7 16.97 -2.76 20.90
N VAL A 8 17.23 -1.92 21.89
CA VAL A 8 17.80 -0.61 21.64
C VAL A 8 19.17 -0.53 22.28
N LYS A 9 20.17 -0.17 21.49
CA LYS A 9 21.54 -0.27 21.94
C LYS A 9 22.22 1.08 21.82
N THR A 10 22.71 1.60 22.95
CA THR A 10 23.48 2.82 22.91
C THR A 10 24.85 2.50 22.33
N LEU A 11 25.64 3.54 22.05
CA LEU A 11 27.00 3.30 21.53
C LEU A 11 27.93 2.79 22.63
N THR A 12 27.73 3.31 23.85
CA THR A 12 28.47 2.89 25.04
C THR A 12 28.50 1.36 25.17
N GLY A 13 27.35 0.74 24.89
CA GLY A 13 27.21 -0.70 24.96
C GLY A 13 25.90 -1.10 25.60
N LYS A 14 25.48 -0.34 26.60
CA LYS A 14 24.24 -0.60 27.31
C LYS A 14 23.09 -0.92 26.36
N THR A 15 22.50 -2.09 26.55
CA THR A 15 21.34 -2.52 25.77
C THR A 15 20.07 -2.40 26.58
N ILE A 16 18.97 -2.23 25.86
CA ILE A 16 17.67 -2.04 26.46
C ILE A 16 16.67 -2.83 25.65
N THR A 17 15.81 -3.62 26.31
CA THR A 17 14.75 -4.30 25.57
C THR A 17 13.45 -3.52 25.68
N LEU A 18 12.78 -3.38 24.54
CA LEU A 18 11.51 -2.66 24.48
C LEU A 18 10.42 -3.58 23.98
N GLU A 19 9.23 -3.47 24.57
CA GLU A 19 8.09 -4.21 24.05
C GLU A 19 7.31 -3.22 23.19
N VAL A 20 7.15 -3.54 21.91
CA VAL A 20 6.50 -2.63 20.97
C VAL A 20 5.52 -3.35 20.03
N GLU A 21 4.68 -2.56 19.36
CA GLU A 21 3.82 -3.02 18.28
C GLU A 21 4.32 -2.37 17.01
N PRO A 22 4.17 -3.05 15.88
CA PRO A 22 4.64 -2.55 14.57
C PRO A 22 3.96 -1.25 14.18
N SER A 23 2.89 -0.91 14.90
CA SER A 23 2.09 0.27 14.63
C SER A 23 2.69 1.50 15.29
N ASP A 24 3.58 1.26 16.24
CA ASP A 24 4.15 2.35 17.02
C ASP A 24 4.92 3.30 16.15
N THR A 25 4.72 4.60 16.36
CA THR A 25 5.47 5.63 15.66
C THR A 25 6.85 5.80 16.29
N ILE A 26 7.74 6.49 15.59
CA ILE A 26 9.07 6.69 16.13
C ILE A 26 8.97 7.52 17.40
N GLU A 27 7.93 8.33 17.51
CA GLU A 27 7.71 9.11 18.71
C GLU A 27 7.30 8.22 19.89
N ASN A 28 6.42 7.27 19.62
CA ASN A 28 6.01 6.26 20.59
C ASN A 28 7.21 5.55 21.19
N VAL A 29 8.21 5.29 20.35
CA VAL A 29 9.38 4.53 20.76
C VAL A 29 10.34 5.40 21.53
N LYS A 30 10.59 6.61 21.03
CA LYS A 30 11.39 7.55 21.79
C LYS A 30 10.82 7.79 23.20
N ALA A 31 9.49 7.77 23.32
CA ALA A 31 8.80 7.94 24.59
C ALA A 31 9.05 6.77 25.51
N LYS A 32 9.07 5.56 24.96
CA LYS A 32 9.30 4.34 25.74
C LYS A 32 10.71 4.32 26.29
N ILE A 33 11.61 4.95 25.55
CA ILE A 33 12.99 5.02 26.00
C ILE A 33 13.15 6.08 27.06
N GLN A 34 12.45 7.19 26.92
CA GLN A 34 12.51 8.24 27.92
C GLN A 34 12.05 7.67 29.25
N ASP A 35 11.14 6.71 29.21
CA ASP A 35 10.68 6.06 30.43
C ASP A 35 11.75 5.19 31.02
N LYS A 36 12.25 4.24 30.24
CA LYS A 36 13.24 3.30 30.75
C LYS A 36 14.62 3.90 30.96
N GLU A 37 14.88 5.10 30.44
CA GLU A 37 16.21 5.67 30.56
C GLU A 37 16.25 7.18 30.69
N GLY A 38 15.09 7.79 30.92
CA GLY A 38 15.01 9.20 31.23
C GLY A 38 15.67 10.17 30.26
N ILE A 39 15.85 9.74 29.02
CA ILE A 39 16.38 10.62 27.99
C ILE A 39 15.26 11.34 27.27
N PRO A 40 15.43 12.65 27.04
CA PRO A 40 14.47 13.47 26.29
C PRO A 40 14.50 13.13 24.80
N PRO A 41 13.33 12.83 24.23
CA PRO A 41 13.16 12.35 22.85
C PRO A 41 13.73 13.30 21.81
N ASP A 42 14.07 14.50 22.26
CA ASP A 42 14.68 15.48 21.36
C ASP A 42 16.18 15.21 21.26
N GLN A 43 16.70 14.50 22.25
CA GLN A 43 18.11 14.13 22.29
C GLN A 43 18.33 12.82 21.56
N GLN A 44 17.23 12.09 21.35
CA GLN A 44 17.31 10.77 20.77
C GLN A 44 17.34 10.82 19.26
N ARG A 45 18.29 10.10 18.67
CA ARG A 45 18.31 9.81 17.25
C ARG A 45 18.40 8.30 17.13
N LEU A 46 17.34 7.70 16.61
CA LEU A 46 17.29 6.25 16.48
C LEU A 46 17.78 5.84 15.11
N ILE A 47 18.51 4.73 15.04
CA ILE A 47 19.11 4.29 13.80
C ILE A 47 18.89 2.81 13.58
N PHE A 48 18.43 2.47 12.38
CA PHE A 48 18.14 1.10 12.03
C PHE A 48 18.80 0.70 10.72
N ALA A 49 19.63 -0.34 10.78
CA ALA A 49 20.39 -0.80 9.64
C ALA A 49 20.94 0.39 8.86
N GLY A 50 21.68 1.24 9.54
CA GLY A 50 22.33 2.37 8.91
C GLY A 50 21.47 3.58 8.54
N LYS A 51 20.15 3.46 8.62
CA LYS A 51 19.28 4.58 8.31
C LYS A 51 18.78 5.21 9.61
N GLN A 52 18.73 6.54 9.65
CA GLN A 52 18.12 7.20 10.79
C GLN A 52 16.61 7.26 10.66
N LEU A 53 15.91 6.89 11.73
CA LEU A 53 14.45 6.80 11.73
C LEU A 53 13.77 8.15 11.85
N GLU A 54 12.92 8.46 10.88
CA GLU A 54 12.26 9.75 10.76
C GLU A 54 10.98 9.80 11.57
N ASP A 55 10.77 10.90 12.28
CA ASP A 55 9.61 11.07 13.15
C ASP A 55 8.30 11.03 12.36
N GLY A 56 7.29 10.40 12.94
CA GLY A 56 5.96 10.36 12.34
C GLY A 56 5.70 9.11 11.54
N ARG A 57 6.73 8.31 11.38
CA ARG A 57 6.59 7.06 10.68
C ARG A 57 6.62 5.93 11.69
N THR A 58 6.19 4.75 11.27
CA THR A 58 6.09 3.63 12.19
C THR A 58 7.17 2.59 11.94
N LEU A 59 7.31 1.68 12.89
CA LEU A 59 8.27 0.61 12.77
C LEU A 59 8.06 -0.18 11.47
N SER A 60 6.81 -0.51 11.18
CA SER A 60 6.53 -1.27 10.00
C SER A 60 6.97 -0.53 8.73
N ASP A 61 6.84 0.79 8.72
CA ASP A 61 7.21 1.56 7.54
C ASP A 61 8.64 1.29 7.21
N TYR A 62 9.37 0.76 8.18
CA TYR A 62 10.80 0.53 8.06
C TYR A 62 11.07 -0.96 8.00
N ASN A 63 10.01 -1.73 8.14
CA ASN A 63 10.10 -3.19 8.15
C ASN A 63 10.97 -3.69 9.30
N ILE A 64 10.76 -3.06 10.45
CA ILE A 64 11.45 -3.46 11.65
C ILE A 64 10.61 -4.53 12.31
N GLN A 65 11.20 -5.71 12.48
CA GLN A 65 10.48 -6.85 13.02
C GLN A 65 11.00 -7.32 14.38
N LYS A 66 10.33 -8.30 14.98
CA LYS A 66 10.68 -8.71 16.32
C LYS A 66 12.15 -9.05 16.42
N GLU A 67 12.74 -8.67 17.56
CA GLU A 67 14.14 -8.90 17.84
C GLU A 67 15.09 -8.02 17.02
N SER A 68 14.55 -7.04 16.30
CA SER A 68 15.42 -6.13 15.56
C SER A 68 16.23 -5.27 16.51
N THR A 69 17.28 -4.65 15.99
CA THR A 69 18.16 -3.83 16.80
C THR A 69 18.26 -2.41 16.25
N LEU A 70 17.89 -1.44 17.08
CA LEU A 70 18.11 -0.04 16.77
C LEU A 70 19.25 0.44 17.62
N HIS A 71 19.99 1.42 17.11
CA HIS A 71 21.01 2.07 17.90
C HIS A 71 20.54 3.44 18.30
N LEU A 72 20.88 3.82 19.52
CA LEU A 72 20.51 5.11 20.02
C LEU A 72 21.73 6.01 19.97
N VAL A 73 21.61 7.08 19.21
CA VAL A 73 22.61 8.14 19.21
C VAL A 73 21.97 9.36 19.88
N LEU A 74 22.78 10.28 20.38
CA LEU A 74 22.24 11.45 21.08
C LEU A 74 22.78 12.77 20.53
N ARG A 75 21.90 13.75 20.46
CA ARG A 75 22.25 15.10 20.04
C ARG A 75 23.11 15.82 21.08
N LEU A 76 22.71 15.69 22.35
CA LEU A 76 23.41 16.29 23.51
C LEU A 76 24.51 17.29 23.17
N MET B 4 -23.21 28.10 2.31
CA MET B 4 -22.00 27.39 2.75
C MET B 4 -22.22 26.60 4.02
N GLN B 5 -21.20 25.88 4.45
CA GLN B 5 -21.37 24.99 5.60
C GLN B 5 -20.11 24.87 6.44
N ILE B 6 -20.30 24.84 7.75
CA ILE B 6 -19.19 24.77 8.72
C ILE B 6 -19.41 23.68 9.76
N PHE B 7 -18.38 23.41 10.55
CA PHE B 7 -18.44 22.35 11.55
C PHE B 7 -18.36 22.91 12.95
N VAL B 8 -19.20 22.42 13.84
CA VAL B 8 -19.17 22.84 15.22
C VAL B 8 -18.86 21.67 16.11
N LYS B 9 -17.83 21.81 16.95
CA LYS B 9 -17.29 20.67 17.63
C LYS B 9 -17.30 20.92 19.11
N THR B 10 -17.99 20.08 19.85
CA THR B 10 -17.97 20.18 21.31
C THR B 10 -16.60 19.69 21.78
N LEU B 11 -16.31 19.84 23.06
CA LEU B 11 -15.05 19.34 23.61
C LEU B 11 -15.11 17.82 23.76
N THR B 12 -16.28 17.32 24.16
CA THR B 12 -16.51 15.88 24.27
C THR B 12 -16.03 15.14 23.03
N GLY B 13 -16.30 15.72 21.87
CA GLY B 13 -15.87 15.14 20.61
C GLY B 13 -16.96 15.28 19.56
N LYS B 14 -18.20 15.15 20.01
CA LYS B 14 -19.34 15.23 19.12
C LYS B 14 -19.21 16.40 18.14
N THR B 15 -19.29 16.09 16.85
CA THR B 15 -19.26 17.11 15.81
C THR B 15 -20.64 17.30 15.21
N ILE B 16 -20.88 18.50 14.69
CA ILE B 16 -22.17 18.90 14.16
C ILE B 16 -21.91 19.70 12.90
N THR B 17 -22.57 19.38 11.80
CA THR B 17 -22.45 20.21 10.62
C THR B 17 -23.58 21.22 10.52
N LEU B 18 -23.23 22.46 10.21
CA LEU B 18 -24.20 23.54 10.07
C LEU B 18 -24.13 24.11 8.67
N GLU B 19 -25.29 24.42 8.10
CA GLU B 19 -25.34 25.14 6.83
C GLU B 19 -25.59 26.61 7.15
N VAL B 20 -24.64 27.47 6.76
CA VAL B 20 -24.73 28.89 7.12
C VAL B 20 -24.37 29.80 5.97
N GLU B 21 -24.71 31.08 6.12
CA GLU B 21 -24.29 32.13 5.20
C GLU B 21 -23.31 33.01 5.95
N PRO B 22 -22.38 33.64 5.23
CA PRO B 22 -21.35 34.48 5.86
C PRO B 22 -21.98 35.71 6.52
N SER B 23 -23.25 35.96 6.22
CA SER B 23 -23.97 37.10 6.77
C SER B 23 -24.52 36.81 8.16
N ASP B 24 -24.58 35.53 8.52
CA ASP B 24 -25.22 35.12 9.76
C ASP B 24 -24.49 35.68 10.95
N THR B 25 -25.24 36.19 11.92
CA THR B 25 -24.66 36.72 13.15
C THR B 25 -24.34 35.58 14.09
N ILE B 26 -23.56 35.85 15.13
CA ILE B 26 -23.24 34.79 16.07
C ILE B 26 -24.50 34.30 16.77
N GLU B 27 -25.52 35.15 16.83
CA GLU B 27 -26.82 34.78 17.38
C GLU B 27 -27.56 33.79 16.47
N ASN B 28 -27.52 34.06 15.18
CA ASN B 28 -28.06 33.18 14.15
C ASN B 28 -27.48 31.80 14.26
N VAL B 29 -26.20 31.72 14.59
CA VAL B 29 -25.53 30.43 14.66
C VAL B 29 -25.88 29.71 15.97
N LYS B 30 -25.86 30.45 17.06
CA LYS B 30 -26.20 29.84 18.32
C LYS B 30 -27.60 29.29 18.22
N ALA B 31 -28.46 29.98 17.50
CA ALA B 31 -29.83 29.54 17.31
C ALA B 31 -29.89 28.22 16.53
N LYS B 32 -29.07 28.11 15.49
CA LYS B 32 -29.06 26.92 14.65
C LYS B 32 -28.61 25.73 15.46
N ILE B 33 -27.82 26.00 16.49
CA ILE B 33 -27.29 24.94 17.31
C ILE B 33 -28.34 24.54 18.30
N GLN B 34 -29.08 25.51 18.81
CA GLN B 34 -30.13 25.21 19.77
C GLN B 34 -31.13 24.27 19.11
N ASP B 35 -31.24 24.40 17.81
CA ASP B 35 -32.17 23.55 17.08
C ASP B 35 -31.62 22.14 17.03
N LYS B 36 -30.43 21.99 16.49
CA LYS B 36 -29.85 20.67 16.27
C LYS B 36 -29.41 19.98 17.55
N GLU B 37 -29.32 20.72 18.65
CA GLU B 37 -28.81 20.13 19.88
C GLU B 37 -29.46 20.65 21.16
N GLY B 38 -30.54 21.41 21.02
CA GLY B 38 -31.34 21.83 22.16
C GLY B 38 -30.64 22.58 23.29
N ILE B 39 -29.49 23.17 23.00
CA ILE B 39 -28.75 23.97 23.98
C ILE B 39 -29.17 25.43 23.91
N PRO B 40 -29.40 26.04 25.07
CA PRO B 40 -29.73 27.47 25.17
C PRO B 40 -28.55 28.36 24.83
N PRO B 41 -28.74 29.31 23.91
CA PRO B 41 -27.68 30.15 23.34
C PRO B 41 -26.95 30.97 24.39
N ASP B 42 -27.51 30.97 25.60
CA ASP B 42 -26.88 31.68 26.71
C ASP B 42 -25.83 30.77 27.34
N GLN B 43 -25.96 29.48 27.10
CA GLN B 43 -24.98 28.51 27.60
C GLN B 43 -23.85 28.33 26.61
N GLN B 44 -24.09 28.74 25.37
CA GLN B 44 -23.13 28.56 24.30
C GLN B 44 -22.05 29.64 24.31
N ARG B 45 -20.81 29.21 24.21
CA ARG B 45 -19.69 30.09 23.92
C ARG B 45 -19.00 29.48 22.72
N LEU B 46 -19.03 30.18 21.59
CA LEU B 46 -18.41 29.68 20.37
C LEU B 46 -17.00 30.21 20.26
N ILE B 47 -16.09 29.39 19.76
CA ILE B 47 -14.69 29.75 19.66
C ILE B 47 -14.10 29.40 18.32
N PHE B 48 -13.43 30.36 17.72
CA PHE B 48 -12.85 30.14 16.41
C PHE B 48 -11.37 30.49 16.43
N ALA B 49 -10.52 29.52 16.08
CA ALA B 49 -9.08 29.72 16.04
C ALA B 49 -8.65 30.49 17.27
N GLY B 50 -8.99 29.94 18.44
CA GLY B 50 -8.57 30.53 19.70
C GLY B 50 -9.30 31.77 20.20
N LYS B 51 -10.09 32.40 19.35
CA LYS B 51 -10.83 33.59 19.78
C LYS B 51 -12.26 33.21 20.11
N GLN B 52 -12.82 33.81 21.14
CA GLN B 52 -14.23 33.65 21.41
C GLN B 52 -15.08 34.64 20.60
N LEU B 53 -16.12 34.12 19.93
CA LEU B 53 -16.92 34.91 19.03
C LEU B 53 -17.91 35.76 19.80
N GLU B 54 -17.87 37.06 19.54
CA GLU B 54 -18.68 38.06 20.21
C GLU B 54 -20.04 38.24 19.54
N ASP B 55 -21.09 38.32 20.36
CA ASP B 55 -22.46 38.47 19.87
C ASP B 55 -22.65 39.73 19.06
N GLY B 56 -23.42 39.63 17.97
CA GLY B 56 -23.81 40.77 17.18
C GLY B 56 -22.97 40.96 15.96
N ARG B 57 -21.91 40.16 15.87
CA ARG B 57 -21.04 40.21 14.72
C ARG B 57 -21.30 39.00 13.86
N THR B 58 -20.80 39.04 12.64
CA THR B 58 -21.09 37.99 11.69
C THR B 58 -19.89 37.09 11.42
N LEU B 59 -20.13 35.98 10.74
CA LEU B 59 -19.07 35.03 10.43
C LEU B 59 -17.98 35.70 9.62
N SER B 60 -18.38 36.49 8.64
CA SER B 60 -17.40 37.18 7.81
C SER B 60 -16.56 38.14 8.63
N ASP B 61 -17.13 38.74 9.68
CA ASP B 61 -16.39 39.71 10.48
C ASP B 61 -15.17 39.02 11.03
N TYR B 62 -15.24 37.70 11.05
CA TYR B 62 -14.19 36.87 11.64
C TYR B 62 -13.44 36.12 10.56
N ASN B 63 -13.87 36.29 9.32
CA ASN B 63 -13.28 35.61 8.18
C ASN B 63 -13.38 34.10 8.31
N ILE B 64 -14.54 33.65 8.75
CA ILE B 64 -14.86 32.25 8.86
C ILE B 64 -15.45 31.82 7.54
N GLN B 65 -14.78 30.87 6.89
CA GLN B 65 -15.18 30.44 5.55
C GLN B 65 -15.64 28.99 5.52
N LYS B 66 -16.08 28.54 4.37
CA LYS B 66 -16.66 27.20 4.29
C LYS B 66 -15.71 26.16 4.86
N GLU B 67 -16.31 25.18 5.54
CA GLU B 67 -15.57 24.09 6.15
C GLU B 67 -14.75 24.49 7.39
N SER B 68 -14.92 25.72 7.85
CA SER B 68 -14.24 26.16 9.07
C SER B 68 -14.77 25.39 10.26
N THR B 69 -13.99 25.38 11.34
CA THR B 69 -14.35 24.65 12.58
C THR B 69 -14.45 25.58 13.79
N LEU B 70 -15.61 25.62 14.42
CA LEU B 70 -15.79 26.34 15.66
C LEU B 70 -15.92 25.32 16.74
N HIS B 71 -15.46 25.66 17.93
CA HIS B 71 -15.64 24.78 19.05
C HIS B 71 -16.72 25.34 19.93
N LEU B 72 -17.50 24.44 20.51
CA LEU B 72 -18.55 24.85 21.41
C LEU B 72 -18.14 24.57 22.83
N VAL B 73 -18.07 25.63 23.62
CA VAL B 73 -17.87 25.53 25.06
C VAL B 73 -19.17 25.98 25.74
N LEU B 74 -19.39 25.58 26.99
CA LEU B 74 -20.64 25.88 27.65
C LEU B 74 -20.49 26.46 29.05
N ARG B 75 -21.47 27.27 29.46
CA ARG B 75 -21.63 27.67 30.86
C ARG B 75 -22.86 27.02 31.45
N MET C 4 10.07 29.77 18.49
CA MET C 4 10.62 28.45 18.17
C MET C 4 10.38 28.10 16.72
N GLN C 5 10.86 26.95 16.30
CA GLN C 5 10.78 26.58 14.90
C GLN C 5 10.62 25.08 14.69
N ILE C 6 9.81 24.70 13.70
CA ILE C 6 9.50 23.30 13.44
C ILE C 6 9.63 22.99 11.95
N PHE C 7 9.57 21.71 11.61
CA PHE C 7 9.71 21.28 10.21
C PHE C 7 8.43 20.69 9.67
N VAL C 8 8.07 21.09 8.47
CA VAL C 8 6.90 20.53 7.81
C VAL C 8 7.34 19.78 6.57
N LYS C 9 6.93 18.53 6.47
CA LYS C 9 7.43 17.66 5.44
C LYS C 9 6.30 17.12 4.60
N THR C 10 6.31 17.39 3.30
CA THR C 10 5.33 16.80 2.42
C THR C 10 5.69 15.33 2.21
N LEU C 11 4.83 14.59 1.54
CA LEU C 11 5.13 13.18 1.29
C LEU C 11 6.16 13.03 0.17
N THR C 12 6.08 13.93 -0.81
CA THR C 12 7.04 13.96 -1.90
C THR C 12 8.48 13.96 -1.37
N GLY C 13 8.72 14.73 -0.33
CA GLY C 13 10.04 14.79 0.28
C GLY C 13 10.37 16.21 0.68
N LYS C 14 9.93 17.16 -0.13
CA LYS C 14 10.17 18.57 0.15
C LYS C 14 9.92 18.94 1.61
N THR C 15 10.93 19.51 2.26
CA THR C 15 10.81 19.97 3.62
C THR C 15 10.73 21.49 3.69
N ILE C 16 10.11 21.99 4.74
CA ILE C 16 9.89 23.40 4.90
C ILE C 16 10.09 23.73 6.35
N THR C 17 10.87 24.76 6.65
CA THR C 17 11.01 25.17 8.04
C THR C 17 10.08 26.32 8.36
N LEU C 18 9.41 26.23 9.49
CA LEU C 18 8.48 27.25 9.95
C LEU C 18 8.94 27.81 11.28
N GLU C 19 8.79 29.11 11.45
CA GLU C 19 9.04 29.72 12.75
C GLU C 19 7.68 29.91 13.42
N VAL C 20 7.48 29.27 14.58
CA VAL C 20 6.19 29.31 15.25
C VAL C 20 6.32 29.55 16.77
N GLU C 21 5.18 29.87 17.37
CA GLU C 21 5.05 29.93 18.82
C GLU C 21 4.12 28.79 19.22
N PRO C 22 4.29 28.27 20.44
CA PRO C 22 3.49 27.15 20.93
C PRO C 22 2.02 27.55 21.08
N SER C 23 1.77 28.85 21.02
CA SER C 23 0.43 29.39 21.14
C SER C 23 -0.34 29.31 19.83
N ASP C 24 0.38 29.14 18.72
CA ASP C 24 -0.22 29.16 17.41
C ASP C 24 -1.25 28.05 17.27
N THR C 25 -2.40 28.38 16.67
CA THR C 25 -3.44 27.41 16.39
C THR C 25 -3.08 26.68 15.12
N ILE C 26 -3.77 25.57 14.85
CA ILE C 26 -3.50 24.83 13.62
C ILE C 26 -3.81 25.68 12.40
N GLU C 27 -4.76 26.60 12.54
CA GLU C 27 -5.09 27.54 11.47
C GLU C 27 -3.93 28.50 11.20
N ASN C 28 -3.32 29.02 12.26
CA ASN C 28 -2.15 29.87 12.19
C ASN C 28 -1.04 29.22 11.40
N VAL C 29 -0.92 27.90 11.57
CA VAL C 29 0.15 27.15 10.95
C VAL C 29 -0.18 26.90 9.48
N LYS C 30 -1.40 26.46 9.21
CA LYS C 30 -1.83 26.25 7.85
C LYS C 30 -1.66 27.52 7.05
N ALA C 31 -1.89 28.65 7.70
CA ALA C 31 -1.71 29.96 7.07
C ALA C 31 -0.25 30.25 6.73
N LYS C 32 0.66 29.86 7.61
CA LYS C 32 2.08 30.08 7.40
C LYS C 32 2.59 29.26 6.22
N ILE C 33 1.95 28.13 6.01
CA ILE C 33 2.30 27.24 4.91
C ILE C 33 1.73 27.77 3.60
N GLN C 34 0.52 28.30 3.63
CA GLN C 34 -0.06 28.90 2.44
C GLN C 34 0.83 30.01 1.95
N ASP C 35 1.53 30.68 2.87
CA ASP C 35 2.44 31.74 2.49
C ASP C 35 3.66 31.16 1.81
N LYS C 36 4.36 30.28 2.50
CA LYS C 36 5.60 29.73 1.99
C LYS C 36 5.42 28.74 0.83
N GLU C 37 4.19 28.28 0.59
CA GLU C 37 3.96 27.26 -0.44
C GLU C 37 2.62 27.38 -1.19
N GLY C 38 1.92 28.48 -0.99
CA GLY C 38 0.74 28.78 -1.78
C GLY C 38 -0.37 27.76 -1.79
N ILE C 39 -0.37 26.87 -0.79
CA ILE C 39 -1.43 25.88 -0.67
C ILE C 39 -2.59 26.39 0.18
N PRO C 40 -3.81 26.19 -0.29
CA PRO C 40 -5.03 26.57 0.45
C PRO C 40 -5.23 25.68 1.68
N PRO C 41 -5.38 26.29 2.86
CA PRO C 41 -5.49 25.63 4.17
C PRO C 41 -6.61 24.59 4.25
N ASP C 42 -7.48 24.61 3.24
CA ASP C 42 -8.56 23.63 3.17
C ASP C 42 -8.05 22.36 2.51
N GLN C 43 -6.93 22.47 1.81
CA GLN C 43 -6.31 21.31 1.18
C GLN C 43 -5.31 20.66 2.10
N GLN C 44 -4.90 21.40 3.13
CA GLN C 44 -3.91 20.92 4.07
C GLN C 44 -4.51 20.02 5.14
N ARG C 45 -3.86 18.88 5.34
CA ARG C 45 -4.09 18.05 6.50
C ARG C 45 -2.73 17.87 7.17
N LEU C 46 -2.58 18.38 8.38
CA LEU C 46 -1.32 18.30 9.10
C LEU C 46 -1.35 17.09 10.00
N ILE C 47 -0.21 16.40 10.11
CA ILE C 47 -0.13 15.18 10.91
C ILE C 47 1.08 15.18 11.80
N PHE C 48 0.87 14.86 13.06
CA PHE C 48 1.96 14.84 14.00
C PHE C 48 2.00 13.52 14.73
N ALA C 49 3.13 12.83 14.64
CA ALA C 49 3.27 11.55 15.29
C ALA C 49 2.04 10.70 15.09
N GLY C 50 1.67 10.49 13.83
CA GLY C 50 0.54 9.63 13.51
C GLY C 50 -0.86 10.17 13.77
N LYS C 51 -0.98 11.29 14.46
CA LYS C 51 -2.29 11.90 14.69
C LYS C 51 -2.50 13.06 13.73
N GLN C 52 -3.71 13.20 13.20
CA GLN C 52 -4.03 14.39 12.43
C GLN C 52 -4.44 15.55 13.31
N LEU C 53 -3.87 16.72 13.06
CA LEU C 53 -4.09 17.88 13.91
C LEU C 53 -5.44 18.54 13.66
N GLU C 54 -6.22 18.73 14.72
CA GLU C 54 -7.57 19.25 14.63
C GLU C 54 -7.59 20.79 14.69
N ASP C 55 -8.40 21.40 13.84
CA ASP C 55 -8.48 22.86 13.77
C ASP C 55 -8.96 23.46 15.08
N GLY C 56 -8.38 24.60 15.44
CA GLY C 56 -8.84 25.34 16.60
C GLY C 56 -8.04 25.04 17.85
N ARG C 57 -7.15 24.07 17.76
CA ARG C 57 -6.30 23.72 18.88
C ARG C 57 -4.92 24.23 18.57
N THR C 58 -4.04 24.23 19.56
CA THR C 58 -2.72 24.83 19.39
C THR C 58 -1.65 23.78 19.37
N LEU C 59 -0.43 24.20 19.04
CA LEU C 59 0.70 23.29 19.03
C LEU C 59 0.91 22.68 20.41
N SER C 60 0.89 23.50 21.43
CA SER C 60 1.07 22.99 22.78
C SER C 60 0.02 21.94 23.14
N ASP C 61 -1.20 22.10 22.65
CA ASP C 61 -2.26 21.17 23.01
C ASP C 61 -1.82 19.79 22.61
N TYR C 62 -0.85 19.76 21.69
CA TYR C 62 -0.36 18.53 21.11
C TYR C 62 1.03 18.22 21.61
N ASN C 63 1.56 19.13 22.39
CA ASN C 63 2.90 18.98 22.92
C ASN C 63 3.90 18.87 21.80
N ILE C 64 3.71 19.73 20.81
CA ILE C 64 4.64 19.88 19.72
C ILE C 64 5.69 20.90 20.14
N GLN C 65 6.95 20.50 20.15
CA GLN C 65 8.01 21.36 20.65
C GLN C 65 9.02 21.69 19.57
N LYS C 66 10.01 22.52 19.89
CA LYS C 66 10.93 22.99 18.87
C LYS C 66 11.57 21.82 18.13
N GLU C 67 11.76 21.99 16.83
CA GLU C 67 12.36 20.98 15.98
C GLU C 67 11.48 19.76 15.72
N SER C 68 10.22 19.82 16.15
CA SER C 68 9.29 18.74 15.83
C SER C 68 9.01 18.67 14.32
N THR C 69 8.51 17.52 13.87
CA THR C 69 8.19 17.33 12.47
C THR C 69 6.71 17.01 12.26
N LEU C 70 6.04 17.83 11.45
CA LEU C 70 4.69 17.52 10.99
C LEU C 70 4.77 17.09 9.54
N HIS C 71 3.84 16.25 9.13
CA HIS C 71 3.76 15.91 7.73
C HIS C 71 2.57 16.59 7.14
N LEU C 72 2.71 17.03 5.90
CA LEU C 72 1.64 17.66 5.18
C LEU C 72 1.05 16.69 4.20
N VAL C 73 -0.23 16.39 4.39
CA VAL C 73 -1.01 15.61 3.44
C VAL C 73 -2.03 16.55 2.80
N LEU C 74 -2.48 16.25 1.58
CA LEU C 74 -3.42 17.13 0.90
C LEU C 74 -4.67 16.41 0.47
N ARG C 75 -5.80 17.10 0.59
CA ARG C 75 -7.05 16.60 0.08
C ARG C 75 -7.34 17.27 -1.26
N LEU C 76 -6.78 16.69 -2.32
CA LEU C 76 -6.92 17.15 -3.72
C LEU C 76 -8.03 18.15 -4.03
N MET D 4 6.52 -6.20 -25.61
CA MET D 4 5.20 -5.94 -25.04
C MET D 4 5.28 -5.75 -23.54
N GLN D 5 4.14 -5.48 -22.92
CA GLN D 5 4.13 -5.15 -21.51
C GLN D 5 2.86 -5.61 -20.80
N ILE D 6 3.02 -6.10 -19.57
CA ILE D 6 1.92 -6.65 -18.78
C ILE D 6 1.94 -6.10 -17.35
N PHE D 7 0.88 -6.36 -16.61
CA PHE D 7 0.75 -5.87 -15.24
C PHE D 7 0.81 -6.99 -14.23
N VAL D 8 1.55 -6.77 -13.16
CA VAL D 8 1.58 -7.73 -12.07
C VAL D 8 1.01 -7.10 -10.81
N LYS D 9 0.05 -7.77 -10.22
CA LYS D 9 -0.70 -7.18 -9.13
C LYS D 9 -0.63 -8.06 -7.91
N THR D 10 -0.11 -7.51 -6.81
CA THR D 10 -0.11 -8.23 -5.55
C THR D 10 -1.53 -8.21 -5.00
N LEU D 11 -1.76 -8.95 -3.92
CA LEU D 11 -3.08 -8.98 -3.33
C LEU D 11 -3.33 -7.70 -2.55
N THR D 12 -2.27 -7.20 -1.92
CA THR D 12 -2.32 -5.93 -1.19
C THR D 12 -2.94 -4.84 -2.04
N GLY D 13 -2.56 -4.80 -3.31
CA GLY D 13 -3.10 -3.83 -4.25
C GLY D 13 -2.01 -3.29 -5.15
N LYS D 14 -0.81 -3.16 -4.60
CA LYS D 14 0.33 -2.64 -5.35
C LYS D 14 0.43 -3.29 -6.71
N THR D 15 0.44 -2.46 -7.75
CA THR D 15 0.60 -2.93 -9.13
C THR D 15 1.98 -2.62 -9.65
N ILE D 16 2.43 -3.43 -10.59
CA ILE D 16 3.76 -3.31 -11.14
C ILE D 16 3.68 -3.54 -12.62
N THR D 17 4.28 -2.68 -13.42
CA THR D 17 4.28 -2.91 -14.85
C THR D 17 5.58 -3.54 -15.28
N LEU D 18 5.48 -4.56 -16.12
CA LEU D 18 6.64 -5.31 -16.61
C LEU D 18 6.71 -5.23 -18.13
N GLU D 19 7.91 -5.08 -18.67
CA GLU D 19 8.09 -5.16 -20.11
C GLU D 19 8.60 -6.55 -20.42
N VAL D 20 7.83 -7.31 -21.20
CA VAL D 20 8.17 -8.69 -21.50
C VAL D 20 8.01 -9.05 -22.98
N GLU D 21 8.58 -10.20 -23.33
CA GLU D 21 8.35 -10.82 -24.63
C GLU D 21 7.55 -12.09 -24.40
N PRO D 22 6.73 -12.48 -25.37
CA PRO D 22 5.88 -13.67 -25.24
C PRO D 22 6.72 -14.93 -25.12
N SER D 23 8.02 -14.80 -25.38
CA SER D 23 8.96 -15.92 -25.35
C SER D 23 9.44 -16.17 -23.93
N ASP D 24 9.26 -15.18 -23.07
CA ASP D 24 9.80 -15.26 -21.73
C ASP D 24 9.18 -16.40 -20.96
N THR D 25 10.02 -17.16 -20.28
CA THR D 25 9.57 -18.24 -19.40
C THR D 25 9.02 -17.65 -18.10
N ILE D 26 8.34 -18.47 -17.31
CA ILE D 26 7.82 -17.99 -16.04
C ILE D 26 8.98 -17.63 -15.13
N GLU D 27 10.13 -18.28 -15.33
CA GLU D 27 11.34 -17.98 -14.57
C GLU D 27 11.87 -16.59 -14.91
N ASN D 28 11.89 -16.28 -16.20
CA ASN D 28 12.27 -14.96 -16.69
C ASN D 28 11.46 -13.87 -16.03
N VAL D 29 10.18 -14.17 -15.80
CA VAL D 29 9.26 -13.18 -15.28
C VAL D 29 9.44 -13.02 -13.78
N LYS D 30 9.57 -14.14 -13.10
CA LYS D 30 9.79 -14.10 -11.67
C LYS D 30 11.08 -13.35 -11.39
N ALA D 31 12.05 -13.50 -12.28
CA ALA D 31 13.32 -12.77 -12.17
C ALA D 31 13.12 -11.26 -12.32
N LYS D 32 12.29 -10.85 -13.28
CA LYS D 32 12.03 -9.43 -13.52
C LYS D 32 11.36 -8.80 -12.33
N ILE D 33 10.61 -9.60 -11.60
CA ILE D 33 9.93 -9.13 -10.40
C ILE D 33 10.88 -9.04 -9.21
N GLN D 34 11.78 -10.01 -9.11
CA GLN D 34 12.78 -9.95 -8.07
C GLN D 34 13.58 -8.66 -8.22
N ASP D 35 13.75 -8.22 -9.45
CA ASP D 35 14.48 -6.97 -9.69
C ASP D 35 13.68 -5.78 -9.20
N LYS D 36 12.48 -5.61 -9.73
CA LYS D 36 11.66 -4.46 -9.39
C LYS D 36 11.09 -4.49 -7.98
N GLU D 37 11.15 -5.63 -7.29
CA GLU D 37 10.54 -5.74 -5.97
C GLU D 37 11.28 -6.65 -5.00
N GLY D 38 12.49 -7.06 -5.37
CA GLY D 38 13.35 -7.78 -4.46
C GLY D 38 12.79 -9.04 -3.81
N ILE D 39 11.76 -9.62 -4.41
CA ILE D 39 11.21 -10.86 -3.90
C ILE D 39 11.91 -12.06 -4.53
N PRO D 40 12.25 -13.06 -3.72
CA PRO D 40 12.85 -14.31 -4.19
C PRO D 40 11.84 -15.15 -4.98
N PRO D 41 12.20 -15.55 -6.22
CA PRO D 41 11.33 -16.27 -7.16
C PRO D 41 10.78 -17.58 -6.59
N ASP D 42 11.33 -18.01 -5.47
CA ASP D 42 10.83 -19.23 -4.81
C ASP D 42 9.65 -18.88 -3.93
N GLN D 43 9.49 -17.60 -3.63
CA GLN D 43 8.36 -17.12 -2.85
C GLN D 43 7.20 -16.74 -3.74
N GLN D 44 7.49 -16.53 -5.02
CA GLN D 44 6.51 -16.07 -5.99
C GLN D 44 5.68 -17.21 -6.54
N ARG D 45 4.38 -16.99 -6.56
CA ARG D 45 3.45 -17.84 -7.26
C ARG D 45 2.68 -16.91 -8.16
N LEU D 46 2.82 -17.06 -9.47
CA LEU D 46 2.13 -16.20 -10.41
C LEU D 46 0.82 -16.84 -10.84
N ILE D 47 -0.23 -16.04 -10.98
CA ILE D 47 -1.54 -16.55 -11.34
C ILE D 47 -2.17 -15.76 -12.46
N PHE D 48 -2.66 -16.47 -13.45
CA PHE D 48 -3.28 -15.82 -14.59
C PHE D 48 -4.65 -16.41 -14.82
N ALA D 49 -5.65 -15.53 -14.86
CA ALA D 49 -7.03 -15.95 -15.06
C ALA D 49 -7.30 -17.20 -14.29
N GLY D 50 -7.05 -17.17 -12.99
CA GLY D 50 -7.37 -18.29 -12.12
C GLY D 50 -6.43 -19.49 -12.14
N LYS D 51 -5.54 -19.55 -13.12
CA LYS D 51 -4.59 -20.65 -13.19
C LYS D 51 -3.23 -20.22 -12.63
N GLN D 52 -2.56 -21.10 -11.92
CA GLN D 52 -1.22 -20.79 -11.48
C GLN D 52 -0.23 -21.19 -12.55
N LEU D 53 0.68 -20.27 -12.85
CA LEU D 53 1.63 -20.47 -13.93
C LEU D 53 2.76 -21.40 -13.54
N GLU D 54 2.98 -22.43 -14.35
CA GLU D 54 3.96 -23.48 -14.07
C GLU D 54 5.34 -23.12 -14.62
N ASP D 55 6.38 -23.38 -13.84
CA ASP D 55 7.74 -23.05 -14.23
C ASP D 55 8.17 -23.80 -15.49
N GLY D 56 8.92 -23.12 -16.34
CA GLY D 56 9.50 -23.74 -17.52
C GLY D 56 8.67 -23.52 -18.77
N ARG D 57 7.48 -22.94 -18.58
CA ARG D 57 6.63 -22.64 -19.72
C ARG D 57 6.70 -21.16 -19.99
N THR D 58 6.22 -20.74 -21.15
CA THR D 58 6.32 -19.33 -21.50
C THR D 58 4.98 -18.62 -21.42
N LEU D 59 5.02 -17.31 -21.51
CA LEU D 59 3.80 -16.54 -21.53
C LEU D 59 2.87 -16.98 -22.64
N SER D 60 3.40 -17.17 -23.84
CA SER D 60 2.57 -17.59 -24.96
C SER D 60 1.89 -18.93 -24.71
N ASP D 61 2.56 -19.81 -23.99
CA ASP D 61 2.02 -21.13 -23.72
C ASP D 61 0.67 -20.96 -23.03
N TYR D 62 0.51 -19.79 -22.43
CA TYR D 62 -0.67 -19.47 -21.65
C TYR D 62 -1.54 -18.44 -22.36
N ASN D 63 -1.08 -18.01 -23.51
CA ASN D 63 -1.80 -17.03 -24.30
C ASN D 63 -1.98 -15.76 -23.50
N ILE D 64 -0.92 -15.36 -22.84
CA ILE D 64 -0.90 -14.11 -22.12
C ILE D 64 -0.40 -13.07 -23.08
N GLN D 65 -1.22 -12.05 -23.31
CA GLN D 65 -0.91 -11.02 -24.31
C GLN D 65 -0.73 -9.64 -23.69
N LYS D 66 -0.37 -8.67 -24.51
CA LYS D 66 -0.05 -7.34 -23.98
C LYS D 66 -1.17 -6.81 -23.11
N GLU D 67 -0.78 -6.13 -22.04
CA GLU D 67 -1.72 -5.55 -21.08
C GLU D 67 -2.47 -6.57 -20.22
N SER D 68 -2.06 -7.85 -20.29
CA SER D 68 -2.64 -8.86 -19.43
C SER D 68 -2.29 -8.60 -17.97
N THR D 69 -3.04 -9.21 -17.06
CA THR D 69 -2.82 -9.05 -15.63
C THR D 69 -2.56 -10.37 -14.94
N LEU D 70 -1.42 -10.48 -14.27
CA LEU D 70 -1.12 -11.62 -13.43
C LEU D 70 -1.22 -11.16 -12.01
N HIS D 71 -1.54 -12.08 -11.12
CA HIS D 71 -1.53 -11.75 -9.72
C HIS D 71 -0.36 -12.44 -9.08
N LEU D 72 0.26 -11.74 -8.13
CA LEU D 72 1.36 -12.30 -7.39
C LEU D 72 0.89 -12.75 -6.03
N VAL D 73 1.04 -14.04 -5.76
CA VAL D 73 0.80 -14.60 -4.46
C VAL D 73 2.16 -15.05 -3.92
N LEU D 74 2.30 -15.15 -2.60
CA LEU D 74 3.58 -15.52 -2.04
C LEU D 74 3.46 -16.71 -1.12
N ARG D 75 4.38 -17.67 -1.28
CA ARG D 75 4.53 -18.74 -0.30
C ARG D 75 5.57 -18.36 0.74
N LEU D 76 5.30 -18.71 2.02
CA LEU D 76 6.18 -18.35 3.14
C LEU D 76 6.54 -19.52 4.06
N MET E 4 -25.93 -20.77 -13.45
CA MET E 4 -26.69 -19.52 -13.34
C MET E 4 -26.55 -18.63 -14.57
N GLN E 5 -27.24 -17.51 -14.58
CA GLN E 5 -27.27 -16.66 -15.76
C GLN E 5 -27.38 -15.17 -15.39
N ILE E 6 -26.65 -14.34 -16.15
CA ILE E 6 -26.62 -12.90 -15.94
C ILE E 6 -26.83 -12.11 -17.23
N PHE E 7 -27.02 -10.80 -17.10
CA PHE E 7 -27.27 -9.94 -18.25
C PHE E 7 -26.11 -8.99 -18.49
N VAL E 8 -25.71 -8.87 -19.76
CA VAL E 8 -24.67 -7.93 -20.10
C VAL E 8 -25.25 -6.88 -21.02
N LYS E 9 -25.06 -5.62 -20.66
CA LYS E 9 -25.77 -4.54 -21.33
C LYS E 9 -24.78 -3.52 -21.88
N THR E 10 -24.78 -3.34 -23.20
CA THR E 10 -23.96 -2.30 -23.80
C THR E 10 -24.60 -0.95 -23.49
N LEU E 11 -23.88 0.12 -23.80
CA LEU E 11 -24.43 1.46 -23.57
C LEU E 11 -25.50 1.79 -24.61
N THR E 12 -25.28 1.35 -25.86
CA THR E 12 -26.24 1.50 -26.94
C THR E 12 -27.64 1.07 -26.51
N GLY E 13 -27.71 -0.04 -25.76
CA GLY E 13 -28.97 -0.56 -25.26
C GLY E 13 -29.02 -2.07 -25.40
N LYS E 14 -28.46 -2.58 -26.49
CA LYS E 14 -28.45 -4.01 -26.75
C LYS E 14 -28.10 -4.80 -25.49
N THR E 15 -28.99 -5.71 -25.11
CA THR E 15 -28.76 -6.62 -23.99
C THR E 15 -28.40 -8.03 -24.47
N ILE E 16 -27.67 -8.75 -23.64
CA ILE E 16 -27.17 -10.07 -23.97
C ILE E 16 -27.32 -10.90 -22.71
N THR E 17 -27.89 -12.09 -22.81
CA THR E 17 -27.92 -12.98 -21.66
C THR E 17 -26.80 -14.00 -21.75
N LEU E 18 -26.12 -14.20 -20.63
CA LEU E 18 -25.00 -15.13 -20.53
C LEU E 18 -25.30 -16.18 -19.50
N GLU E 19 -24.93 -17.42 -19.79
CA GLU E 19 -25.03 -18.48 -18.79
C GLU E 19 -23.66 -18.64 -18.18
N VAL E 20 -23.55 -18.45 -16.86
CA VAL E 20 -22.27 -18.49 -16.18
C VAL E 20 -22.31 -19.24 -14.86
N GLU E 21 -21.12 -19.56 -14.35
CA GLU E 21 -20.93 -20.10 -13.01
C GLU E 21 -20.20 -19.03 -12.22
N PRO E 22 -20.45 -18.99 -10.90
CA PRO E 22 -19.83 -18.01 -10.01
C PRO E 22 -18.32 -18.15 -9.93
N SER E 23 -17.82 -19.27 -10.45
CA SER E 23 -16.41 -19.59 -10.46
C SER E 23 -15.71 -18.94 -11.64
N ASP E 24 -16.50 -18.52 -12.62
CA ASP E 24 -15.93 -17.95 -13.83
C ASP E 24 -15.13 -16.70 -13.55
N THR E 25 -13.95 -16.60 -14.17
CA THR E 25 -13.11 -15.42 -14.07
C THR E 25 -13.61 -14.36 -15.01
N ILE E 26 -13.12 -13.15 -14.87
CA ILE E 26 -13.55 -12.07 -15.73
C ILE E 26 -13.10 -12.35 -17.17
N GLU E 27 -12.02 -13.12 -17.31
CA GLU E 27 -11.55 -13.56 -18.63
C GLU E 27 -12.52 -14.55 -19.28
N ASN E 28 -12.95 -15.54 -18.50
CA ASN E 28 -14.01 -16.46 -18.91
C ASN E 28 -15.24 -15.76 -19.46
N VAL E 29 -15.63 -14.65 -18.82
CA VAL E 29 -16.82 -13.91 -19.21
C VAL E 29 -16.58 -13.10 -20.47
N LYS E 30 -15.43 -12.44 -20.54
CA LYS E 30 -15.10 -11.65 -21.72
C LYS E 30 -15.06 -12.57 -22.94
N ALA E 31 -14.61 -13.80 -22.71
CA ALA E 31 -14.57 -14.82 -23.76
C ALA E 31 -15.96 -15.20 -24.24
N LYS E 32 -16.89 -15.36 -23.32
CA LYS E 32 -18.27 -15.72 -23.65
C LYS E 32 -18.93 -14.63 -24.46
N ILE E 33 -18.49 -13.40 -24.24
CA ILE E 33 -19.04 -12.27 -24.96
C ILE E 33 -18.41 -12.17 -26.34
N GLN E 34 -17.13 -12.47 -26.43
CA GLN E 34 -16.48 -12.50 -27.74
C GLN E 34 -17.18 -13.51 -28.64
N ASP E 35 -17.69 -14.59 -28.06
CA ASP E 35 -18.43 -15.57 -28.83
C ASP E 35 -19.75 -15.01 -29.31
N LYS E 36 -20.59 -14.58 -28.38
CA LYS E 36 -21.93 -14.09 -28.72
C LYS E 36 -21.94 -12.75 -29.48
N GLU E 37 -20.82 -12.04 -29.51
CA GLU E 37 -20.83 -10.71 -30.09
C GLU E 37 -19.52 -10.32 -30.77
N GLY E 38 -18.61 -11.28 -30.90
CA GLY E 38 -17.39 -11.07 -31.67
C GLY E 38 -16.47 -9.93 -31.28
N ILE E 39 -16.59 -9.46 -30.04
CA ILE E 39 -15.73 -8.40 -29.54
C ILE E 39 -14.50 -8.96 -28.90
N PRO E 40 -13.35 -8.39 -29.21
CA PRO E 40 -12.08 -8.79 -28.60
C PRO E 40 -12.04 -8.37 -27.13
N PRO E 41 -11.71 -9.31 -26.24
CA PRO E 41 -11.71 -9.13 -24.78
C PRO E 41 -10.79 -8.02 -24.32
N ASP E 42 -9.94 -7.54 -25.22
CA ASP E 42 -9.06 -6.43 -24.90
C ASP E 42 -9.81 -5.11 -25.08
N GLN E 43 -10.91 -5.17 -25.82
CA GLN E 43 -11.75 -4.01 -26.05
C GLN E 43 -12.83 -3.89 -24.99
N GLN E 44 -13.08 -5.01 -24.31
CA GLN E 44 -14.12 -5.09 -23.30
C GLN E 44 -13.65 -4.55 -21.97
N ARG E 45 -14.48 -3.71 -21.38
CA ARG E 45 -14.36 -3.30 -20.00
C ARG E 45 -15.71 -3.58 -19.40
N LEU E 46 -15.75 -4.50 -18.45
CA LEU E 46 -16.99 -4.88 -17.78
C LEU E 46 -17.18 -4.10 -16.50
N ILE E 47 -18.42 -3.70 -16.22
CA ILE E 47 -18.71 -2.86 -15.06
C ILE E 47 -19.89 -3.37 -14.29
N PHE E 48 -19.70 -3.49 -12.98
CA PHE E 48 -20.73 -4.00 -12.11
C PHE E 48 -20.99 -3.05 -10.98
N ALA E 49 -22.23 -2.59 -10.84
CA ALA E 49 -22.62 -1.65 -9.81
C ALA E 49 -21.56 -0.56 -9.65
N GLY E 50 -21.22 0.11 -10.75
CA GLY E 50 -20.29 1.22 -10.74
C GLY E 50 -18.80 0.88 -10.63
N LYS E 51 -18.46 -0.37 -10.39
CA LYS E 51 -17.06 -0.77 -10.28
C LYS E 51 -16.64 -1.48 -11.56
N GLN E 52 -15.44 -1.22 -12.03
CA GLN E 52 -14.95 -1.96 -13.17
C GLN E 52 -14.32 -3.28 -12.71
N LEU E 53 -14.69 -4.37 -13.36
CA LEU E 53 -14.24 -5.70 -12.99
C LEU E 53 -12.79 -5.97 -13.42
N GLU E 54 -11.98 -6.35 -12.46
CA GLU E 54 -10.55 -6.57 -12.68
C GLU E 54 -10.25 -7.99 -13.15
N ASP E 55 -9.38 -8.11 -14.15
CA ASP E 55 -9.02 -9.41 -14.70
C ASP E 55 -8.40 -10.36 -13.66
N GLY E 56 -8.74 -11.62 -13.74
CA GLY E 56 -8.12 -12.61 -12.88
C GLY E 56 -8.96 -12.92 -11.67
N ARG E 57 -10.03 -12.14 -11.48
CA ARG E 57 -10.92 -12.39 -10.37
C ARG E 57 -12.21 -12.99 -10.88
N THR E 58 -13.00 -13.55 -9.97
CA THR E 58 -14.21 -14.25 -10.38
C THR E 58 -15.47 -13.46 -10.09
N LEU E 59 -16.59 -13.94 -10.60
CA LEU E 59 -17.85 -13.28 -10.35
C LEU E 59 -18.15 -13.25 -8.85
N SER E 60 -17.94 -14.36 -8.17
CA SER E 60 -18.19 -14.40 -6.73
C SER E 60 -17.34 -13.39 -5.96
N ASP E 61 -16.11 -13.17 -6.40
CA ASP E 61 -15.24 -12.23 -5.71
C ASP E 61 -15.92 -10.89 -5.63
N TYR E 62 -16.91 -10.70 -6.49
CA TYR E 62 -17.59 -9.43 -6.61
C TYR E 62 -19.02 -9.57 -6.11
N ASN E 63 -19.37 -10.79 -5.73
CA ASN E 63 -20.70 -11.07 -5.25
C ASN E 63 -21.75 -10.78 -6.33
N ILE E 64 -21.42 -11.18 -7.55
CA ILE E 64 -22.34 -11.07 -8.65
C ILE E 64 -23.17 -12.35 -8.68
N GLN E 65 -24.48 -12.20 -8.55
CA GLN E 65 -25.36 -13.35 -8.44
C GLN E 65 -26.31 -13.46 -9.62
N LYS E 66 -27.11 -14.51 -9.63
CA LYS E 66 -27.99 -14.75 -10.75
C LYS E 66 -28.86 -13.53 -11.09
N GLU E 67 -29.01 -13.27 -12.39
CA GLU E 67 -29.80 -12.17 -12.89
C GLU E 67 -29.15 -10.80 -12.70
N SER E 68 -27.88 -10.78 -12.26
CA SER E 68 -27.16 -9.51 -12.09
C SER E 68 -26.93 -8.88 -13.45
N THR E 69 -26.63 -7.58 -13.45
CA THR E 69 -26.40 -6.85 -14.69
C THR E 69 -25.02 -6.20 -14.74
N LEU E 70 -24.25 -6.56 -15.74
CA LEU E 70 -23.00 -5.89 -16.01
C LEU E 70 -23.18 -5.02 -17.23
N HIS E 71 -22.44 -3.93 -17.29
CA HIS E 71 -22.47 -3.10 -18.46
C HIS E 71 -21.18 -3.29 -19.18
N LEU E 72 -21.26 -3.27 -20.50
CA LEU E 72 -20.10 -3.43 -21.34
C LEU E 72 -19.72 -2.09 -21.90
N VAL E 73 -18.52 -1.64 -21.56
CA VAL E 73 -17.92 -0.47 -22.16
C VAL E 73 -16.76 -0.95 -23.04
N LEU E 74 -16.35 -0.15 -24.01
CA LEU E 74 -15.28 -0.59 -24.93
C LEU E 74 -14.15 0.42 -25.07
N ARG E 75 -12.92 -0.08 -25.29
CA ARG E 75 -11.77 0.79 -25.59
C ARG E 75 -11.38 0.76 -27.07
N LEU E 76 -10.79 1.86 -27.53
CA LEU E 76 -10.30 1.98 -28.91
C LEU E 76 -10.86 0.90 -29.84
N MET F 4 34.58 -6.16 -3.14
CA MET F 4 35.48 -7.13 -2.52
C MET F 4 34.76 -8.42 -2.18
N GLN F 5 35.52 -9.39 -1.68
CA GLN F 5 34.94 -10.69 -1.38
C GLN F 5 35.56 -11.36 -0.16
N ILE F 6 34.73 -12.04 0.62
CA ILE F 6 35.15 -12.67 1.87
C ILE F 6 34.64 -14.09 1.96
N PHE F 7 35.11 -14.84 2.94
CA PHE F 7 34.72 -16.24 3.12
C PHE F 7 33.91 -16.44 4.39
N VAL F 8 32.85 -17.22 4.28
CA VAL F 8 32.05 -17.54 5.43
C VAL F 8 32.12 -19.03 5.67
N LYS F 9 32.44 -19.42 6.88
CA LYS F 9 32.75 -20.81 7.14
C LYS F 9 31.89 -21.33 8.28
N THR F 10 31.09 -22.36 7.98
CA THR F 10 30.30 -22.99 9.04
C THR F 10 31.25 -23.82 9.90
N LEU F 11 30.73 -24.37 10.99
CA LEU F 11 31.58 -25.18 11.84
C LEU F 11 31.75 -26.56 11.21
N THR F 12 30.69 -27.05 10.58
CA THR F 12 30.74 -28.33 9.88
C THR F 12 31.96 -28.40 8.96
N GLY F 13 32.24 -27.29 8.26
CA GLY F 13 33.39 -27.21 7.39
C GLY F 13 33.03 -26.46 6.13
N LYS F 14 31.81 -26.66 5.66
CA LYS F 14 31.34 -26.02 4.43
C LYS F 14 31.74 -24.54 4.39
N THR F 15 32.44 -24.15 3.34
CA THR F 15 32.81 -22.76 3.12
C THR F 15 31.97 -22.12 2.02
N ILE F 16 31.80 -20.80 2.11
CA ILE F 16 30.96 -20.07 1.19
C ILE F 16 31.70 -18.78 0.87
N THR F 17 31.81 -18.43 -0.40
CA THR F 17 32.38 -17.14 -0.75
C THR F 17 31.28 -16.12 -0.99
N LEU F 18 31.47 -14.93 -0.44
CA LEU F 18 30.55 -13.82 -0.58
C LEU F 18 31.22 -12.63 -1.24
N GLU F 19 30.49 -11.96 -2.12
CA GLU F 19 31.00 -10.72 -2.66
C GLU F 19 30.34 -9.60 -1.89
N VAL F 20 31.16 -8.76 -1.25
CA VAL F 20 30.63 -7.69 -0.40
C VAL F 20 31.36 -6.36 -0.59
N GLU F 21 30.73 -5.31 -0.08
CA GLU F 21 31.37 -4.00 0.04
C GLU F 21 31.57 -3.73 1.52
N PRO F 22 32.61 -2.97 1.86
CA PRO F 22 32.94 -2.66 3.26
C PRO F 22 31.83 -1.86 3.95
N SER F 23 30.90 -1.37 3.15
CA SER F 23 29.79 -0.55 3.62
C SER F 23 28.66 -1.41 4.14
N ASP F 24 28.67 -2.68 3.75
CA ASP F 24 27.56 -3.58 4.04
C ASP F 24 27.42 -3.75 5.53
N THR F 25 26.18 -3.67 6.02
CA THR F 25 25.88 -3.91 7.43
C THR F 25 25.85 -5.40 7.69
N ILE F 26 25.87 -5.78 8.96
CA ILE F 26 25.84 -7.19 9.29
C ILE F 26 24.53 -7.81 8.78
N GLU F 27 23.49 -7.00 8.65
CA GLU F 27 22.20 -7.46 8.16
C GLU F 27 22.28 -7.76 6.66
N ASN F 28 22.92 -6.86 5.93
CA ASN F 28 23.23 -7.06 4.52
C ASN F 28 23.93 -8.39 4.26
N VAL F 29 24.82 -8.77 5.17
CA VAL F 29 25.59 -9.98 5.01
C VAL F 29 24.78 -11.21 5.36
N LYS F 30 24.05 -11.15 6.47
CA LYS F 30 23.18 -12.25 6.84
C LYS F 30 22.13 -12.52 5.77
N ALA F 31 21.70 -11.46 5.09
CA ALA F 31 20.79 -11.58 3.96
C ALA F 31 21.43 -12.31 2.78
N LYS F 32 22.69 -11.97 2.50
CA LYS F 32 23.40 -12.60 1.40
C LYS F 32 23.57 -14.09 1.65
N ILE F 33 23.67 -14.46 2.92
CA ILE F 33 23.84 -15.86 3.29
C ILE F 33 22.50 -16.58 3.18
N GLN F 34 21.44 -15.90 3.57
CA GLN F 34 20.12 -16.50 3.49
C GLN F 34 19.84 -16.87 2.05
N ASP F 35 20.40 -16.08 1.12
CA ASP F 35 20.24 -16.36 -0.29
C ASP F 35 21.00 -17.60 -0.68
N LYS F 36 22.31 -17.58 -0.46
CA LYS F 36 23.16 -18.69 -0.86
C LYS F 36 22.97 -19.96 -0.06
N GLU F 37 22.29 -19.89 1.08
CA GLU F 37 22.18 -21.07 1.94
C GLU F 37 20.86 -21.17 2.70
N GLY F 38 19.91 -20.31 2.36
CA GLY F 38 18.54 -20.42 2.86
C GLY F 38 18.37 -20.43 4.36
N ILE F 39 19.36 -19.91 5.07
CA ILE F 39 19.27 -19.79 6.51
C ILE F 39 18.65 -18.46 6.91
N PRO F 40 17.71 -18.48 7.85
CA PRO F 40 17.09 -17.27 8.39
C PRO F 40 18.09 -16.48 9.23
N PRO F 41 18.24 -15.19 8.94
CA PRO F 41 19.23 -14.30 9.58
C PRO F 41 19.08 -14.21 11.10
N ASP F 42 17.98 -14.73 11.61
CA ASP F 42 17.77 -14.75 13.05
C ASP F 42 18.46 -15.96 13.67
N GLN F 43 18.79 -16.94 12.83
CA GLN F 43 19.51 -18.13 13.25
C GLN F 43 21.00 -17.93 13.11
N GLN F 44 21.38 -16.92 12.34
CA GLN F 44 22.78 -16.66 12.07
C GLN F 44 23.43 -15.86 13.18
N ARG F 45 24.59 -16.34 13.63
CA ARG F 45 25.50 -15.58 14.46
C ARG F 45 26.83 -15.58 13.72
N LEU F 46 27.24 -14.41 13.24
CA LEU F 46 28.51 -14.27 12.56
C LEU F 46 29.63 -13.95 13.55
N ILE F 47 30.80 -14.52 13.33
CA ILE F 47 31.92 -14.31 14.23
C ILE F 47 33.20 -14.00 13.48
N PHE F 48 33.88 -12.94 13.89
CA PHE F 48 35.09 -12.53 13.22
C PHE F 48 36.21 -12.40 14.21
N ALA F 49 37.30 -13.13 13.99
CA ALA F 49 38.44 -13.11 14.89
C ALA F 49 37.98 -13.13 16.33
N GLY F 50 37.17 -14.14 16.67
CA GLY F 50 36.75 -14.35 18.04
C GLY F 50 35.67 -13.43 18.58
N LYS F 51 35.32 -12.38 17.83
CA LYS F 51 34.27 -11.47 18.25
C LYS F 51 32.99 -11.72 17.47
N GLN F 52 31.86 -11.69 18.14
CA GLN F 52 30.60 -11.84 17.44
C GLN F 52 30.16 -10.50 16.89
N LEU F 53 29.78 -10.50 15.62
CA LEU F 53 29.41 -9.28 14.91
C LEU F 53 28.03 -8.80 15.31
N GLU F 54 27.95 -7.53 15.69
CA GLU F 54 26.72 -6.94 16.19
C GLU F 54 25.91 -6.30 15.07
N ASP F 55 24.59 -6.50 15.12
CA ASP F 55 23.69 -5.97 14.10
C ASP F 55 23.72 -4.44 13.98
N GLY F 56 23.64 -3.94 12.75
CA GLY F 56 23.56 -2.51 12.51
C GLY F 56 24.90 -1.85 12.26
N ARG F 57 25.96 -2.61 12.43
CA ARG F 57 27.29 -2.12 12.18
C ARG F 57 27.79 -2.70 10.87
N THR F 58 28.85 -2.12 10.33
CA THR F 58 29.32 -2.54 9.02
C THR F 58 30.60 -3.34 9.10
N LEU F 59 30.99 -3.90 7.97
CA LEU F 59 32.21 -4.68 7.90
C LEU F 59 33.42 -3.83 8.29
N SER F 60 33.49 -2.62 7.76
CA SER F 60 34.60 -1.72 8.08
C SER F 60 34.67 -1.37 9.55
N ASP F 61 33.53 -1.31 10.23
CA ASP F 61 33.49 -0.97 11.66
C ASP F 61 34.30 -2.00 12.41
N TYR F 62 34.51 -3.12 11.75
CA TYR F 62 35.21 -4.27 12.33
C TYR F 62 36.55 -4.49 11.65
N ASN F 63 36.84 -3.66 10.67
CA ASN F 63 38.07 -3.76 9.90
C ASN F 63 38.22 -5.12 9.24
N ILE F 64 37.11 -5.59 8.67
CA ILE F 64 37.09 -6.82 7.93
C ILE F 64 37.43 -6.46 6.50
N GLN F 65 38.50 -7.04 5.99
CA GLN F 65 38.96 -6.69 4.66
C GLN F 65 38.88 -7.86 3.71
N LYS F 66 39.25 -7.62 2.45
CA LYS F 66 39.08 -8.65 1.44
C LYS F 66 39.78 -9.95 1.86
N GLU F 67 39.12 -11.08 1.55
CA GLU F 67 39.62 -12.40 1.86
C GLU F 67 39.57 -12.75 3.35
N SER F 68 38.93 -11.90 4.15
CA SER F 68 38.74 -12.22 5.57
C SER F 68 37.81 -13.41 5.72
N THR F 69 37.85 -14.04 6.89
CA THR F 69 37.02 -15.21 7.16
C THR F 69 36.12 -14.99 8.38
N LEU F 70 34.81 -15.12 8.18
CA LEU F 70 33.88 -15.12 9.29
C LEU F 70 33.42 -16.55 9.48
N HIS F 71 33.06 -16.88 10.71
CA HIS F 71 32.49 -18.17 10.96
C HIS F 71 31.02 -18.01 11.21
N LEU F 72 30.24 -18.98 10.74
CA LEU F 72 28.83 -18.96 10.95
C LEU F 72 28.45 -19.94 12.01
N VAL F 73 27.87 -19.42 13.09
CA VAL F 73 27.28 -20.24 14.14
C VAL F 73 25.75 -20.05 14.07
N LEU F 74 24.99 -21.02 14.59
CA LEU F 74 23.53 -20.95 14.50
C LEU F 74 22.86 -21.21 15.85
N ARG F 75 21.70 -20.63 16.09
CA ARG F 75 21.02 -21.03 17.31
C ARG F 75 19.82 -21.89 16.99
N LEU F 76 19.36 -22.64 17.99
CA LEU F 76 18.19 -23.49 17.87
C LEU F 76 17.64 -23.68 19.26
N MET G 4 19.53 -29.34 -0.90
CA MET G 4 18.38 -28.66 -1.48
C MET G 4 17.52 -29.62 -2.27
N GLN G 5 16.42 -29.12 -2.82
CA GLN G 5 15.46 -29.99 -3.49
C GLN G 5 14.78 -29.29 -4.65
N ILE G 6 14.56 -30.05 -5.73
CA ILE G 6 13.94 -29.52 -6.96
C ILE G 6 12.84 -30.43 -7.45
N PHE G 7 12.07 -29.95 -8.43
CA PHE G 7 10.96 -30.72 -8.97
C PHE G 7 11.24 -31.17 -10.40
N VAL G 8 10.89 -32.41 -10.70
CA VAL G 8 11.02 -32.88 -12.06
C VAL G 8 9.65 -33.26 -12.58
N LYS G 9 9.29 -32.74 -13.74
CA LYS G 9 7.94 -32.87 -14.21
C LYS G 9 7.96 -33.50 -15.60
N THR G 10 7.29 -34.63 -15.74
CA THR G 10 7.10 -35.19 -17.06
C THR G 10 6.06 -34.35 -17.83
N LEU G 11 5.88 -34.65 -19.11
CA LEU G 11 4.90 -33.93 -19.93
C LEU G 11 3.49 -34.41 -19.58
N THR G 12 3.36 -35.72 -19.34
CA THR G 12 2.10 -36.30 -18.89
C THR G 12 1.48 -35.48 -17.74
N GLY G 13 2.31 -35.05 -16.81
CA GLY G 13 1.86 -34.25 -15.68
C GLY G 13 2.54 -34.71 -14.41
N LYS G 14 2.78 -36.01 -14.30
CA LYS G 14 3.39 -36.58 -13.11
C LYS G 14 4.60 -35.78 -12.66
N THR G 15 4.56 -35.33 -11.40
CA THR G 15 5.67 -34.59 -10.83
C THR G 15 6.44 -35.48 -9.88
N ILE G 16 7.73 -35.17 -9.72
CA ILE G 16 8.63 -35.93 -8.86
C ILE G 16 9.51 -34.95 -8.11
N THR G 17 9.62 -35.11 -6.80
CA THR G 17 10.55 -34.26 -6.07
C THR G 17 11.88 -34.95 -5.86
N LEU G 18 12.96 -34.21 -6.08
CA LEU G 18 14.31 -34.74 -5.93
C LEU G 18 15.07 -33.93 -4.90
N GLU G 19 15.88 -34.61 -4.09
CA GLU G 19 16.76 -33.91 -3.18
C GLU G 19 18.12 -33.91 -3.84
N VAL G 20 18.66 -32.73 -4.07
CA VAL G 20 19.94 -32.60 -4.77
C VAL G 20 20.87 -31.57 -4.14
N GLU G 21 22.14 -31.63 -4.55
CA GLU G 21 23.10 -30.59 -4.23
C GLU G 21 23.44 -29.88 -5.53
N PRO G 22 23.83 -28.59 -5.44
CA PRO G 22 24.13 -27.79 -6.64
C PRO G 22 25.36 -28.32 -7.37
N SER G 23 26.09 -29.23 -6.72
CA SER G 23 27.31 -29.79 -7.27
C SER G 23 26.99 -30.94 -8.21
N ASP G 24 25.78 -31.49 -8.08
CA ASP G 24 25.39 -32.67 -8.82
C ASP G 24 25.42 -32.44 -10.33
N THR G 25 25.99 -33.39 -11.06
CA THR G 25 26.06 -33.30 -12.51
C THR G 25 24.74 -33.76 -13.06
N ILE G 26 24.50 -33.46 -14.33
CA ILE G 26 23.27 -33.89 -14.98
C ILE G 26 23.15 -35.40 -14.96
N GLU G 27 24.28 -36.09 -14.91
CA GLU G 27 24.30 -37.55 -14.80
C GLU G 27 23.83 -38.01 -13.43
N ASN G 28 24.30 -37.33 -12.39
CA ASN G 28 23.84 -37.57 -11.03
C ASN G 28 22.33 -37.48 -10.93
N VAL G 29 21.75 -36.54 -11.65
CA VAL G 29 20.33 -36.28 -11.56
C VAL G 29 19.56 -37.33 -12.35
N LYS G 30 20.00 -37.61 -13.56
CA LYS G 30 19.36 -38.62 -14.37
C LYS G 30 19.34 -39.95 -13.62
N ALA G 31 20.40 -40.21 -12.85
CA ALA G 31 20.51 -41.40 -12.03
C ALA G 31 19.46 -41.39 -10.93
N LYS G 32 19.25 -40.23 -10.31
CA LYS G 32 18.30 -40.14 -9.23
C LYS G 32 16.89 -40.41 -9.72
N ILE G 33 16.65 -40.05 -10.97
CA ILE G 33 15.36 -40.28 -11.57
C ILE G 33 15.19 -41.73 -11.99
N GLN G 34 16.25 -42.36 -12.47
CA GLN G 34 16.19 -43.78 -12.79
C GLN G 34 15.81 -44.56 -11.55
N ASP G 35 16.22 -44.06 -10.40
CA ASP G 35 15.88 -44.73 -9.16
C ASP G 35 14.38 -44.57 -8.89
N LYS G 36 13.93 -43.32 -8.79
CA LYS G 36 12.55 -43.03 -8.42
C LYS G 36 11.53 -43.38 -9.48
N GLU G 37 11.98 -43.65 -10.69
CA GLU G 37 11.05 -43.89 -11.80
C GLU G 37 11.54 -44.90 -12.86
N GLY G 38 12.64 -45.59 -12.55
CA GLY G 38 13.11 -46.69 -13.38
C GLY G 38 13.35 -46.40 -14.85
N ILE G 39 13.54 -45.12 -15.18
CA ILE G 39 13.85 -44.76 -16.56
C ILE G 39 15.36 -44.76 -16.78
N PRO G 40 15.79 -45.31 -17.93
CA PRO G 40 17.19 -45.30 -18.34
C PRO G 40 17.65 -43.89 -18.73
N PRO G 41 18.73 -43.40 -18.11
CA PRO G 41 19.28 -42.05 -18.29
C PRO G 41 19.59 -41.72 -19.75
N ASP G 42 19.58 -42.73 -20.61
CA ASP G 42 19.82 -42.51 -22.03
C ASP G 42 18.51 -42.11 -22.69
N GLN G 43 17.41 -42.40 -22.03
CA GLN G 43 16.09 -42.02 -22.53
C GLN G 43 15.68 -40.67 -22.01
N GLN G 44 16.39 -40.20 -20.99
CA GLN G 44 16.09 -38.94 -20.33
C GLN G 44 16.69 -37.77 -21.08
N ARG G 45 15.85 -36.76 -21.32
CA ARG G 45 16.29 -35.44 -21.76
C ARG G 45 15.73 -34.46 -20.75
N LEU G 46 16.60 -33.82 -19.97
CA LEU G 46 16.16 -32.85 -19.00
C LEU G 46 16.16 -31.44 -19.61
N ILE G 47 15.19 -30.63 -19.21
CA ILE G 47 15.05 -29.29 -19.77
C ILE G 47 14.74 -28.29 -18.70
N PHE G 48 15.50 -27.21 -18.70
CA PHE G 48 15.35 -26.18 -17.70
C PHE G 48 15.17 -24.82 -18.33
N ALA G 49 14.05 -24.17 -18.02
CA ALA G 49 13.72 -22.88 -18.61
C ALA G 49 14.04 -22.88 -20.10
N GLY G 50 13.45 -23.83 -20.84
CA GLY G 50 13.63 -23.87 -22.28
C GLY G 50 14.95 -24.39 -22.84
N LYS G 51 15.94 -24.58 -21.98
CA LYS G 51 17.22 -25.11 -22.44
C LYS G 51 17.35 -26.57 -22.07
N GLN G 52 17.92 -27.37 -22.96
CA GLN G 52 18.20 -28.75 -22.63
C GLN G 52 19.51 -28.88 -21.90
N LEU G 53 19.50 -29.60 -20.78
CA LEU G 53 20.68 -29.73 -19.94
C LEU G 53 21.68 -30.72 -20.50
N GLU G 54 22.92 -30.26 -20.66
CA GLU G 54 23.99 -31.01 -21.31
C GLU G 54 24.75 -31.84 -20.28
N ASP G 55 25.05 -33.08 -20.64
CA ASP G 55 25.76 -34.00 -19.74
C ASP G 55 27.13 -33.51 -19.33
N GLY G 56 27.46 -33.73 -18.06
CA GLY G 56 28.78 -33.46 -17.53
C GLY G 56 28.88 -32.12 -16.86
N ARG G 57 27.80 -31.36 -16.90
CA ARG G 57 27.76 -30.07 -16.25
C ARG G 57 26.89 -30.21 -15.03
N THR G 58 26.95 -29.22 -14.15
CA THR G 58 26.25 -29.32 -12.90
C THR G 58 25.05 -28.40 -12.86
N LEU G 59 24.22 -28.56 -11.83
CA LEU G 59 23.06 -27.73 -11.66
C LEU G 59 23.45 -26.26 -11.58
N SER G 60 24.44 -25.97 -10.76
CA SER G 60 24.89 -24.60 -10.61
C SER G 60 25.34 -23.98 -11.94
N ASP G 61 25.92 -24.80 -12.83
CA ASP G 61 26.40 -24.29 -14.11
C ASP G 61 25.25 -23.68 -14.86
N TYR G 62 24.05 -24.07 -14.46
CA TYR G 62 22.82 -23.61 -15.08
C TYR G 62 22.03 -22.69 -14.17
N ASN G 63 22.57 -22.47 -12.97
CA ASN G 63 21.95 -21.59 -11.99
C ASN G 63 20.58 -22.11 -11.62
N ILE G 64 20.48 -23.42 -11.50
CA ILE G 64 19.29 -24.06 -11.01
C ILE G 64 19.32 -24.08 -9.48
N GLN G 65 18.33 -23.46 -8.86
CA GLN G 65 18.32 -23.30 -7.42
C GLN G 65 17.15 -24.03 -6.77
N LYS G 66 17.07 -23.97 -5.45
CA LYS G 66 16.08 -24.77 -4.76
C LYS G 66 14.68 -24.45 -5.27
N GLU G 67 13.86 -25.51 -5.34
CA GLU G 67 12.50 -25.41 -5.82
C GLU G 67 12.37 -25.16 -7.33
N SER G 68 13.49 -25.22 -8.07
CA SER G 68 13.42 -25.06 -9.53
C SER G 68 12.68 -26.23 -10.15
N THR G 69 12.22 -26.05 -11.39
CA THR G 69 11.49 -27.09 -12.09
C THR G 69 12.16 -27.47 -13.41
N LEU G 70 12.47 -28.76 -13.54
CA LEU G 70 12.98 -29.29 -14.79
C LEU G 70 11.88 -30.12 -15.37
N HIS G 71 11.85 -30.18 -16.70
CA HIS G 71 10.91 -31.06 -17.38
C HIS G 71 11.64 -32.24 -17.92
N LEU G 72 10.99 -33.39 -17.84
CA LEU G 72 11.55 -34.61 -18.37
C LEU G 72 10.90 -34.94 -19.71
N VAL G 73 11.72 -34.96 -20.75
CA VAL G 73 11.31 -35.48 -22.06
C VAL G 73 12.06 -36.81 -22.29
N LEU G 74 11.53 -37.65 -23.19
CA LEU G 74 12.12 -38.96 -23.41
C LEU G 74 12.38 -39.23 -24.88
N MET H 4 -26.31 12.90 1.59
CA MET H 4 -27.69 13.32 1.43
C MET H 4 -28.67 12.22 1.80
N GLN H 5 -29.96 12.52 1.73
CA GLN H 5 -30.97 11.58 2.18
C GLN H 5 -32.28 11.67 1.38
N ILE H 6 -32.88 10.52 1.11
CA ILE H 6 -34.09 10.41 0.31
C ILE H 6 -35.12 9.52 0.98
N PHE H 7 -36.33 9.50 0.45
CA PHE H 7 -37.43 8.73 1.02
C PHE H 7 -37.84 7.61 0.11
N VAL H 8 -38.07 6.45 0.68
CA VAL H 8 -38.54 5.32 -0.10
C VAL H 8 -39.90 4.89 0.41
N LYS H 9 -40.87 4.83 -0.48
CA LYS H 9 -42.25 4.67 -0.07
C LYS H 9 -42.85 3.43 -0.71
N THR H 10 -43.28 2.49 0.13
CA THR H 10 -43.98 1.33 -0.40
C THR H 10 -45.38 1.77 -0.85
N LEU H 11 -46.11 0.88 -1.49
CA LEU H 11 -47.47 1.23 -1.91
C LEU H 11 -48.42 1.18 -0.74
N THR H 12 -48.18 0.23 0.16
CA THR H 12 -48.96 0.10 1.40
C THR H 12 -49.04 1.44 2.12
N GLY H 13 -47.93 2.17 2.14
CA GLY H 13 -47.90 3.47 2.78
C GLY H 13 -46.62 3.67 3.55
N LYS H 14 -46.15 2.59 4.18
CA LYS H 14 -44.92 2.64 4.96
C LYS H 14 -43.80 3.41 4.25
N THR H 15 -43.29 4.44 4.91
CA THR H 15 -42.17 5.22 4.40
C THR H 15 -40.85 4.88 5.13
N ILE H 16 -39.74 5.05 4.43
CA ILE H 16 -38.45 4.71 4.96
C ILE H 16 -37.51 5.81 4.52
N THR H 17 -36.71 6.34 5.43
CA THR H 17 -35.69 7.31 5.04
C THR H 17 -34.35 6.63 4.84
N LEU H 18 -33.66 7.01 3.76
CA LEU H 18 -32.36 6.44 3.45
C LEU H 18 -31.32 7.55 3.37
N GLU H 19 -30.13 7.28 3.88
CA GLU H 19 -29.05 8.23 3.72
C GLU H 19 -28.21 7.69 2.57
N VAL H 20 -28.08 8.49 1.52
CA VAL H 20 -27.36 8.07 0.32
C VAL H 20 -26.44 9.15 -0.24
N GLU H 21 -25.55 8.72 -1.14
CA GLU H 21 -24.75 9.65 -1.93
C GLU H 21 -25.23 9.54 -3.37
N PRO H 22 -25.10 10.62 -4.15
CA PRO H 22 -25.54 10.65 -5.55
C PRO H 22 -24.78 9.64 -6.43
N SER H 23 -23.69 9.12 -5.88
CA SER H 23 -22.81 8.18 -6.59
C SER H 23 -23.35 6.77 -6.48
N ASP H 24 -24.25 6.55 -5.51
CA ASP H 24 -24.75 5.22 -5.24
C ASP H 24 -25.47 4.66 -6.45
N THR H 25 -25.19 3.40 -6.77
CA THR H 25 -25.87 2.71 -7.85
C THR H 25 -27.22 2.23 -7.36
N ILE H 26 -28.07 1.79 -8.27
CA ILE H 26 -29.38 1.31 -7.86
C ILE H 26 -29.24 0.04 -7.02
N GLU H 27 -28.13 -0.66 -7.20
CA GLU H 27 -27.83 -1.86 -6.41
C GLU H 27 -27.46 -1.50 -4.96
N ASN H 28 -26.62 -0.48 -4.83
CA ASN H 28 -26.31 0.13 -3.54
C ASN H 28 -27.56 0.47 -2.74
N VAL H 29 -28.56 0.98 -3.42
CA VAL H 29 -29.79 1.43 -2.78
C VAL H 29 -30.67 0.24 -2.39
N LYS H 30 -30.86 -0.68 -3.33
CA LYS H 30 -31.62 -1.89 -3.03
C LYS H 30 -31.02 -2.65 -1.84
N ALA H 31 -29.69 -2.59 -1.72
CA ALA H 31 -28.97 -3.17 -0.58
C ALA H 31 -29.32 -2.46 0.73
N LYS H 32 -29.39 -1.15 0.68
CA LYS H 32 -29.67 -0.37 1.89
C LYS H 32 -31.06 -0.69 2.39
N ILE H 33 -31.95 -1.04 1.45
CA ILE H 33 -33.32 -1.33 1.78
C ILE H 33 -33.43 -2.72 2.34
N GLN H 34 -32.65 -3.64 1.76
CA GLN H 34 -32.63 -5.00 2.28
C GLN H 34 -32.20 -4.98 3.73
N ASP H 35 -31.36 -4.03 4.08
CA ASP H 35 -30.94 -3.90 5.46
C ASP H 35 -32.08 -3.43 6.34
N LYS H 36 -32.63 -2.27 5.99
CA LYS H 36 -33.66 -1.67 6.82
C LYS H 36 -35.01 -2.39 6.75
N GLU H 37 -35.20 -3.27 5.78
CA GLU H 37 -36.51 -3.90 5.61
C GLU H 37 -36.44 -5.35 5.14
N GLY H 38 -35.24 -5.93 5.14
CA GLY H 38 -35.07 -7.34 4.90
C GLY H 38 -35.64 -7.89 3.61
N ILE H 39 -35.84 -7.01 2.62
CA ILE H 39 -36.34 -7.44 1.32
C ILE H 39 -35.19 -7.75 0.39
N PRO H 40 -35.29 -8.88 -0.34
CA PRO H 40 -34.32 -9.28 -1.36
C PRO H 40 -34.37 -8.35 -2.59
N PRO H 41 -33.22 -7.77 -2.97
CA PRO H 41 -33.09 -6.78 -4.04
C PRO H 41 -33.57 -7.29 -5.38
N ASP H 42 -33.86 -8.58 -5.46
CA ASP H 42 -34.41 -9.16 -6.67
C ASP H 42 -35.92 -8.99 -6.67
N GLN H 43 -36.48 -8.72 -5.50
CA GLN H 43 -37.91 -8.50 -5.36
C GLN H 43 -38.23 -7.03 -5.51
N GLN H 44 -37.20 -6.21 -5.39
CA GLN H 44 -37.35 -4.76 -5.40
C GLN H 44 -37.39 -4.21 -6.82
N ARG H 45 -38.39 -3.38 -7.08
CA ARG H 45 -38.44 -2.54 -8.27
C ARG H 45 -38.60 -1.10 -7.79
N LEU H 46 -37.59 -0.28 -8.02
CA LEU H 46 -37.61 1.09 -7.55
C LEU H 46 -38.12 1.97 -8.67
N ILE H 47 -38.95 2.94 -8.32
CA ILE H 47 -39.56 3.84 -9.30
C ILE H 47 -39.41 5.31 -8.91
N PHE H 48 -38.96 6.12 -9.84
CA PHE H 48 -38.77 7.52 -9.57
C PHE H 48 -39.48 8.34 -10.64
N ALA H 49 -40.37 9.22 -10.21
CA ALA H 49 -41.13 10.06 -11.12
C ALA H 49 -41.60 9.24 -12.31
N GLY H 50 -42.31 8.16 -12.04
CA GLY H 50 -42.90 7.36 -13.10
C GLY H 50 -41.96 6.46 -13.90
N LYS H 51 -40.65 6.61 -13.70
CA LYS H 51 -39.70 5.75 -14.40
C LYS H 51 -39.15 4.69 -13.46
N GLN H 52 -39.02 3.47 -13.97
CA GLN H 52 -38.39 2.44 -13.16
C GLN H 52 -36.87 2.52 -13.30
N LEU H 53 -36.19 2.51 -12.16
CA LEU H 53 -34.74 2.69 -12.08
C LEU H 53 -34.00 1.43 -12.48
N GLU H 54 -33.13 1.59 -13.47
CA GLU H 54 -32.40 0.46 -14.07
C GLU H 54 -31.10 0.15 -13.32
N ASP H 55 -30.83 -1.14 -13.13
CA ASP H 55 -29.63 -1.56 -12.38
C ASP H 55 -28.33 -1.11 -13.04
N GLY H 56 -27.37 -0.73 -12.21
CA GLY H 56 -26.06 -0.37 -12.73
C GLY H 56 -25.89 1.09 -12.96
N ARG H 57 -26.97 1.84 -12.80
CA ARG H 57 -26.91 3.28 -12.96
C ARG H 57 -27.00 3.91 -11.60
N THR H 58 -26.63 5.18 -11.52
CA THR H 58 -26.60 5.87 -10.23
C THR H 58 -27.76 6.85 -10.04
N LEU H 59 -27.91 7.31 -8.81
CA LEU H 59 -28.96 8.27 -8.51
C LEU H 59 -28.82 9.50 -9.38
N SER H 60 -27.61 10.02 -9.48
CA SER H 60 -27.38 11.20 -10.30
C SER H 60 -27.76 10.99 -11.76
N ASP H 61 -27.60 9.76 -12.24
CA ASP H 61 -27.91 9.46 -13.64
C ASP H 61 -29.37 9.78 -13.90
N TYR H 62 -30.11 9.83 -12.82
CA TYR H 62 -31.55 10.02 -12.84
C TYR H 62 -31.89 11.39 -12.29
N ASN H 63 -30.88 12.13 -11.88
CA ASN H 63 -31.10 13.44 -11.29
C ASN H 63 -32.00 13.39 -10.05
N ILE H 64 -31.78 12.36 -9.25
CA ILE H 64 -32.45 12.22 -7.98
C ILE H 64 -31.65 12.96 -6.93
N GLN H 65 -32.30 13.94 -6.30
CA GLN H 65 -31.62 14.82 -5.37
C GLN H 65 -32.16 14.67 -3.95
N LYS H 66 -31.57 15.40 -3.01
CA LYS H 66 -31.92 15.24 -1.61
C LYS H 66 -33.43 15.41 -1.43
N GLU H 67 -33.99 14.58 -0.54
CA GLU H 67 -35.42 14.60 -0.22
C GLU H 67 -36.33 14.08 -1.34
N SER H 68 -35.75 13.52 -2.39
CA SER H 68 -36.55 12.93 -3.46
C SER H 68 -37.29 11.73 -2.92
N THR H 69 -38.36 11.32 -3.61
CA THR H 69 -39.15 10.14 -3.21
C THR H 69 -39.15 9.05 -4.29
N LEU H 70 -38.71 7.84 -3.93
CA LEU H 70 -38.83 6.69 -4.81
C LEU H 70 -39.95 5.87 -4.26
N HIS H 71 -40.62 5.13 -5.12
CA HIS H 71 -41.58 4.17 -4.65
C HIS H 71 -41.02 2.78 -4.81
N LEU H 72 -41.34 1.92 -3.86
CA LEU H 72 -40.91 0.55 -3.90
C LEU H 72 -42.08 -0.33 -4.32
N VAL H 73 -41.90 -1.01 -5.44
CA VAL H 73 -42.83 -2.04 -5.87
C VAL H 73 -42.10 -3.39 -5.74
N LEU H 74 -42.84 -4.48 -5.67
CA LEU H 74 -42.21 -5.79 -5.49
C LEU H 74 -42.69 -6.82 -6.52
N GLY I 17 10.47 -8.90 5.26
CA GLY I 17 9.66 -10.11 5.22
C GLY I 17 8.20 -9.86 4.86
N THR I 18 7.86 -8.61 4.55
CA THR I 18 6.48 -8.24 4.15
C THR I 18 6.34 -7.76 2.69
N SER I 19 6.05 -6.47 2.49
CA SER I 19 5.59 -5.91 1.20
C SER I 19 5.66 -4.39 1.15
N LYS I 20 6.17 -3.84 0.04
CA LYS I 20 6.31 -2.40 -0.13
C LYS I 20 4.97 -1.66 -0.19
N CYS I 21 5.05 -0.34 -0.09
CA CYS I 21 3.86 0.49 -0.06
C CYS I 21 3.23 0.55 -1.45
N ARG I 22 1.92 0.30 -1.49
CA ARG I 22 1.13 0.25 -2.71
C ARG I 22 1.31 1.45 -3.62
N LYS I 23 1.73 2.58 -3.05
CA LYS I 23 1.79 3.84 -3.79
C LYS I 23 3.06 4.00 -4.63
N ALA I 24 2.86 4.31 -5.90
CA ALA I 24 3.93 4.66 -6.84
C ALA I 24 5.31 4.14 -6.48
N GLY I 25 6.23 5.07 -6.23
CA GLY I 25 7.57 4.72 -5.83
C GLY I 25 7.85 5.00 -4.36
N CYS I 26 7.08 4.39 -3.47
CA CYS I 26 7.22 4.65 -2.05
C CYS I 26 8.28 3.77 -1.38
N VAL I 27 9.15 4.41 -0.61
CA VAL I 27 10.29 3.76 0.01
C VAL I 27 9.91 2.92 1.23
N TYR I 28 8.67 3.00 1.65
CA TYR I 28 8.27 2.38 2.90
C TYR I 28 7.44 1.15 2.69
N PHE I 29 7.19 0.44 3.77
CA PHE I 29 6.51 -0.83 3.69
C PHE I 29 5.07 -0.70 4.08
N GLY I 30 4.20 -1.29 3.27
CA GLY I 30 2.78 -1.24 3.52
C GLY I 30 2.38 -2.29 4.52
N THR I 31 1.07 -2.38 4.70
CA THR I 31 0.48 -3.28 5.66
C THR I 31 -0.96 -3.52 5.23
N PRO I 32 -1.40 -4.79 5.28
CA PRO I 32 -2.76 -5.17 4.92
C PRO I 32 -3.84 -4.26 5.52
N GLU I 33 -3.81 -4.03 6.82
CA GLU I 33 -4.86 -3.23 7.46
C GLU I 33 -4.88 -1.80 6.97
N ASN I 34 -3.92 -1.44 6.13
CA ASN I 34 -3.91 -0.14 5.52
C ASN I 34 -4.09 -0.26 4.04
N LYS I 35 -4.88 -1.26 3.65
CA LYS I 35 -5.14 -1.53 2.25
C LYS I 35 -3.82 -1.60 1.45
N GLY I 36 -2.72 -1.86 2.13
CA GLY I 36 -1.46 -2.06 1.45
C GLY I 36 -0.57 -0.84 1.37
N PHE I 37 -0.94 0.19 2.12
CA PHE I 37 -0.19 1.44 2.16
C PHE I 37 0.66 1.53 3.39
N CYS I 38 1.68 2.38 3.35
CA CYS I 38 2.38 2.76 4.54
C CYS I 38 1.44 3.70 5.26
N THR I 39 1.77 4.04 6.50
CA THR I 39 0.86 4.79 7.37
C THR I 39 0.44 6.14 6.79
N LEU I 40 1.40 6.89 6.28
CA LEU I 40 1.10 8.22 5.75
C LEU I 40 0.45 8.21 4.36
N CYS I 41 0.86 7.28 3.50
CA CYS I 41 0.18 7.12 2.23
C CYS I 41 -1.25 6.71 2.48
N PHE I 42 -1.46 5.93 3.51
CA PHE I 42 -2.80 5.48 3.86
C PHE I 42 -3.70 6.63 4.31
N ILE I 43 -3.11 7.59 5.01
CA ILE I 43 -3.86 8.75 5.45
C ILE I 43 -4.17 9.63 4.26
N GLU I 44 -3.20 9.76 3.36
CA GLU I 44 -3.40 10.47 2.08
C GLU I 44 -4.54 9.88 1.30
N TYR I 45 -4.52 8.55 1.14
CA TYR I 45 -5.62 7.82 0.52
C TYR I 45 -6.94 8.16 1.16
N ARG I 46 -7.00 7.93 2.47
CA ARG I 46 -8.20 8.15 3.26
C ARG I 46 -8.74 9.56 3.10
N GLU I 47 -7.83 10.54 3.05
CA GLU I 47 -8.24 11.95 2.96
C GLU I 47 -8.81 12.30 1.60
N ASN I 48 -8.55 11.48 0.61
CA ASN I 48 -9.01 11.78 -0.75
C ASN I 48 -10.24 11.01 -1.17
N LYS I 49 -10.63 10.03 -0.36
CA LYS I 49 -11.76 9.14 -0.63
C LYS I 49 -11.29 7.93 -1.45
N SER J 19 -9.29 40.43 3.88
CA SER J 19 -9.00 41.86 4.00
C SER J 19 -9.67 42.50 5.22
N LYS J 20 -8.89 43.26 5.98
CA LYS J 20 -9.39 43.88 7.19
C LYS J 20 -10.40 44.97 6.91
N CYS J 21 -11.07 45.42 7.97
CA CYS J 21 -12.13 46.41 7.85
C CYS J 21 -11.55 47.77 7.53
N ARG J 22 -12.13 48.41 6.50
CA ARG J 22 -11.69 49.72 6.00
C ARG J 22 -11.54 50.79 7.09
N LYS J 23 -12.24 50.63 8.21
CA LYS J 23 -12.26 51.67 9.23
C LYS J 23 -11.08 51.62 10.18
N ALA J 24 -10.45 52.79 10.35
CA ALA J 24 -9.39 53.03 11.32
C ALA J 24 -8.65 51.78 11.77
N GLY J 25 -8.80 51.46 13.05
CA GLY J 25 -8.12 50.31 13.63
C GLY J 25 -9.12 49.24 14.02
N CYS J 26 -9.88 48.77 13.02
CA CYS J 26 -10.91 47.77 13.25
C CYS J 26 -10.39 46.32 13.20
N VAL J 27 -10.75 45.57 14.23
CA VAL J 27 -10.26 44.22 14.45
C VAL J 27 -10.90 43.21 13.52
N TYR J 28 -11.90 43.65 12.77
CA TYR J 28 -12.71 42.70 12.01
C TYR J 28 -12.40 42.76 10.53
N PHE J 29 -12.95 41.79 9.81
CA PHE J 29 -12.69 41.68 8.40
C PHE J 29 -13.80 42.24 7.54
N GLY J 30 -13.41 43.06 6.60
CA GLY J 30 -14.37 43.69 5.72
C GLY J 30 -14.80 42.74 4.62
N THR J 31 -15.56 43.29 3.70
CA THR J 31 -16.14 42.52 2.61
C THR J 31 -16.53 43.50 1.53
N PRO J 32 -16.21 43.17 0.27
CA PRO J 32 -16.48 44.04 -0.87
C PRO J 32 -17.90 44.58 -0.86
N GLU J 33 -18.90 43.72 -0.68
CA GLU J 33 -20.29 44.15 -0.79
C GLU J 33 -20.67 45.15 0.29
N ASN J 34 -19.73 45.40 1.19
CA ASN J 34 -19.92 46.40 2.22
C ASN J 34 -18.93 47.52 2.05
N LYS J 35 -18.60 47.81 0.79
CA LYS J 35 -17.62 48.82 0.45
C LYS J 35 -16.33 48.67 1.26
N GLY J 36 -16.08 47.48 1.80
CA GLY J 36 -14.82 47.17 2.47
C GLY J 36 -14.88 47.23 3.98
N PHE J 37 -16.10 47.36 4.50
CA PHE J 37 -16.34 47.44 5.94
C PHE J 37 -16.75 46.10 6.51
N CYS J 38 -16.57 45.93 7.81
CA CYS J 38 -17.21 44.85 8.51
C CYS J 38 -18.67 45.25 8.61
N THR J 39 -19.51 44.33 9.06
CA THR J 39 -20.95 44.53 9.04
C THR J 39 -21.42 45.76 9.83
N LEU J 40 -20.90 45.92 11.04
CA LEU J 40 -21.33 47.03 11.88
C LEU J 40 -20.72 48.37 11.48
N CYS J 41 -19.47 48.36 11.02
CA CYS J 41 -18.87 49.60 10.52
C CYS J 41 -19.63 50.04 9.29
N PHE J 42 -20.08 49.07 8.52
CA PHE J 42 -20.81 49.38 7.30
C PHE J 42 -22.16 50.02 7.61
N ILE J 43 -22.79 49.59 8.70
CA ILE J 43 -24.05 50.18 9.10
C ILE J 43 -23.78 51.59 9.60
N GLU J 44 -22.69 51.75 10.33
CA GLU J 44 -22.30 53.06 10.83
C GLU J 44 -22.08 54.01 9.67
N TYR J 45 -21.37 53.54 8.66
CA TYR J 45 -21.16 54.30 7.43
C TYR J 45 -22.48 54.70 6.81
N ARG J 46 -23.32 53.71 6.61
CA ARG J 46 -24.61 53.88 5.97
C ARG J 46 -25.47 54.90 6.70
N GLU J 47 -25.41 54.88 8.04
CA GLU J 47 -26.24 55.75 8.86
C GLU J 47 -25.79 57.20 8.81
N ASN J 48 -24.57 57.42 8.36
CA ASN J 48 -24.00 58.76 8.35
C ASN J 48 -23.96 59.39 6.96
N SER K 19 3.12 18.00 30.19
CA SER K 19 2.05 17.70 31.15
C SER K 19 0.66 17.76 30.53
N LYS K 20 -0.13 16.73 30.78
CA LYS K 20 -1.48 16.65 30.25
C LYS K 20 -2.42 17.71 30.80
N CYS K 21 -3.58 17.85 30.14
CA CYS K 21 -4.56 18.86 30.50
C CYS K 21 -5.23 18.51 31.81
N ARG K 22 -5.28 19.51 32.71
CA ARG K 22 -5.83 19.37 34.06
C ARG K 22 -7.24 18.79 34.11
N LYS K 23 -8.00 18.92 33.03
CA LYS K 23 -9.39 18.50 33.02
C LYS K 23 -9.58 17.01 32.77
N ALA K 24 -10.39 16.39 33.63
CA ALA K 24 -10.84 15.00 33.49
C ALA K 24 -9.95 14.10 32.62
N GLY K 25 -10.53 13.62 31.53
CA GLY K 25 -9.81 12.75 30.63
C GLY K 25 -9.51 13.46 29.32
N CYS K 26 -8.77 14.56 29.40
CA CYS K 26 -8.46 15.35 28.23
C CYS K 26 -7.19 14.86 27.50
N VAL K 27 -7.34 14.69 26.19
CA VAL K 27 -6.30 14.14 25.34
C VAL K 27 -5.19 15.12 25.05
N TYR K 28 -5.35 16.37 25.48
CA TYR K 28 -4.40 17.39 25.05
C TYR K 28 -3.47 17.78 26.17
N PHE K 29 -2.49 18.58 25.82
CA PHE K 29 -1.49 18.99 26.79
C PHE K 29 -1.71 20.37 27.34
N GLY K 30 -1.63 20.47 28.65
CA GLY K 30 -1.85 21.74 29.30
C GLY K 30 -0.62 22.60 29.25
N THR K 31 -0.72 23.72 29.94
CA THR K 31 0.34 24.70 29.97
C THR K 31 0.15 25.55 31.23
N PRO K 32 1.24 25.83 31.96
CA PRO K 32 1.21 26.63 33.19
C PRO K 32 0.39 27.91 33.06
N GLU K 33 0.64 28.70 32.03
CA GLU K 33 -0.03 29.99 31.89
C GLU K 33 -1.53 29.83 31.71
N ASN K 34 -1.99 28.60 31.59
CA ASN K 34 -3.42 28.35 31.47
C ASN K 34 -3.88 27.56 32.66
N LYS K 35 -3.24 27.81 33.79
CA LYS K 35 -3.55 27.14 35.05
C LYS K 35 -3.55 25.61 34.86
N GLY K 36 -2.86 25.14 33.83
CA GLY K 36 -2.67 23.72 33.61
C GLY K 36 -3.64 23.08 32.63
N PHE K 37 -4.40 23.92 31.94
CA PHE K 37 -5.37 23.48 30.96
C PHE K 37 -4.84 23.56 29.54
N CYS K 38 -5.44 22.79 28.65
CA CYS K 38 -5.22 23.04 27.23
C CYS K 38 -5.97 24.31 26.91
N THR K 39 -5.75 24.86 25.72
CA THR K 39 -6.32 26.15 25.37
C THR K 39 -7.84 26.23 25.50
N LEU K 40 -8.55 25.24 25.00
CA LEU K 40 -10.01 25.27 24.99
C LEU K 40 -10.61 24.92 26.34
N CYS K 41 -10.00 24.00 27.07
CA CYS K 41 -10.44 23.73 28.44
C CYS K 41 -10.24 24.98 29.30
N PHE K 42 -9.17 25.71 29.02
CA PHE K 42 -8.90 26.92 29.75
C PHE K 42 -9.97 27.97 29.51
N ILE K 43 -10.46 28.05 28.28
CA ILE K 43 -11.52 28.99 27.95
C ILE K 43 -12.81 28.57 28.62
N GLU K 44 -13.09 27.27 28.61
CA GLU K 44 -14.22 26.72 29.32
C GLU K 44 -14.18 27.08 30.80
N TYR K 45 -13.02 26.89 31.40
CA TYR K 45 -12.79 27.27 32.79
C TYR K 45 -13.12 28.74 32.99
N ARG K 46 -12.46 29.56 32.19
CA ARG K 46 -12.58 30.99 32.26
C ARG K 46 -14.03 31.45 32.12
N GLU K 47 -14.77 30.80 31.24
CA GLU K 47 -16.17 31.20 30.99
C GLU K 47 -17.10 30.84 32.14
N ASN K 48 -16.66 29.94 33.01
CA ASN K 48 -17.52 29.48 34.09
C ASN K 48 -17.27 30.19 35.42
N LYS K 49 -16.39 31.19 35.39
CA LYS K 49 -16.17 32.04 36.56
C LYS K 49 -17.03 33.31 36.48
N SER L 19 -4.47 -19.99 -30.78
CA SER L 19 -4.50 -21.36 -31.28
C SER L 19 -3.80 -22.34 -30.36
N LYS L 20 -4.47 -23.45 -30.07
CA LYS L 20 -3.94 -24.48 -29.20
C LYS L 20 -2.69 -25.18 -29.76
N CYS L 21 -2.00 -25.91 -28.90
CA CYS L 21 -0.77 -26.60 -29.29
C CYS L 21 -1.07 -27.77 -30.20
N ARG L 22 -0.32 -27.84 -31.30
CA ARG L 22 -0.47 -28.85 -32.36
C ARG L 22 -0.48 -30.29 -31.86
N LYS L 23 0.12 -30.52 -30.70
CA LYS L 23 0.30 -31.87 -30.20
C LYS L 23 -0.93 -32.42 -29.47
N ALA L 24 -1.35 -33.62 -29.90
CA ALA L 24 -2.40 -34.40 -29.24
C ALA L 24 -3.37 -33.57 -28.40
N GLY L 25 -3.39 -33.84 -27.10
CA GLY L 25 -4.28 -33.13 -26.19
C GLY L 25 -3.53 -32.19 -25.27
N CYS L 26 -2.81 -31.23 -25.85
CA CYS L 26 -2.01 -30.31 -25.08
C CYS L 26 -2.82 -29.09 -24.62
N VAL L 27 -2.71 -28.81 -23.33
CA VAL L 27 -3.44 -27.76 -22.65
C VAL L 27 -2.91 -26.37 -22.98
N TYR L 28 -1.80 -26.27 -23.69
CA TYR L 28 -1.17 -24.98 -23.89
C TYR L 28 -1.37 -24.44 -25.29
N PHE L 29 -0.95 -23.20 -25.47
CA PHE L 29 -1.16 -22.53 -26.75
C PHE L 29 0.09 -22.50 -27.59
N GLY L 30 -0.10 -22.88 -28.85
CA GLY L 30 1.00 -22.91 -29.77
C GLY L 30 1.31 -21.54 -30.31
N THR L 31 2.24 -21.53 -31.26
CA THR L 31 2.71 -20.30 -31.85
C THR L 31 3.33 -20.66 -33.21
N PRO L 32 3.01 -19.87 -34.24
CA PRO L 32 3.52 -20.09 -35.60
C PRO L 32 5.01 -20.37 -35.64
N GLU L 33 5.82 -19.53 -35.00
CA GLU L 33 7.27 -19.69 -35.05
C GLU L 33 7.74 -20.99 -34.43
N ASN L 34 6.83 -21.72 -33.82
CA ASN L 34 7.17 -23.03 -33.29
C ASN L 34 6.42 -24.11 -34.05
N LYS L 35 6.20 -23.86 -35.32
CA LYS L 35 5.48 -24.77 -36.20
C LYS L 35 4.15 -25.17 -35.57
N GLY L 36 3.64 -24.32 -34.67
CA GLY L 36 2.34 -24.55 -34.08
C GLY L 36 2.33 -25.27 -32.73
N PHE L 37 3.51 -25.43 -32.15
CA PHE L 37 3.66 -26.08 -30.85
C PHE L 37 3.78 -25.08 -29.73
N CYS L 38 3.51 -25.53 -28.52
CA CYS L 38 3.87 -24.74 -27.36
C CYS L 38 5.37 -24.91 -27.26
N THR L 39 6.00 -24.16 -26.36
CA THR L 39 7.44 -24.12 -26.27
C THR L 39 8.11 -25.47 -26.01
N LEU L 40 7.59 -26.22 -25.04
CA LEU L 40 8.15 -27.52 -24.67
C LEU L 40 7.82 -28.63 -25.67
N CYS L 41 6.61 -28.63 -26.22
CA CYS L 41 6.29 -29.58 -27.27
C CYS L 41 7.20 -29.33 -28.45
N PHE L 42 7.49 -28.07 -28.71
CA PHE L 42 8.34 -27.72 -29.84
C PHE L 42 9.75 -28.20 -29.66
N ILE L 43 10.21 -28.19 -28.41
CA ILE L 43 11.53 -28.72 -28.11
C ILE L 43 11.53 -30.24 -28.25
N GLU L 44 10.46 -30.87 -27.79
CA GLU L 44 10.27 -32.30 -27.97
C GLU L 44 10.31 -32.68 -29.44
N TYR L 45 9.57 -31.94 -30.26
CA TYR L 45 9.59 -32.11 -31.70
C TYR L 45 10.99 -32.01 -32.24
N ARG L 46 11.62 -30.87 -31.96
CA ARG L 46 12.98 -30.58 -32.40
C ARG L 46 13.98 -31.67 -32.01
N GLU L 47 13.84 -32.23 -30.80
CA GLU L 47 14.77 -33.25 -30.33
C GLU L 47 14.59 -34.60 -31.04
N ASN L 48 13.47 -34.76 -31.73
CA ASN L 48 13.15 -36.03 -32.38
C ASN L 48 13.15 -36.07 -33.92
N LYS L 49 12.65 -34.99 -34.54
CA LYS L 49 12.03 -35.06 -35.89
C LYS L 49 11.49 -36.45 -36.24
N SER M 19 -21.35 -13.11 1.90
CA SER M 19 -20.39 -13.06 2.99
C SER M 19 -19.03 -12.65 2.49
N LYS M 20 -18.42 -11.68 3.19
CA LYS M 20 -17.09 -11.18 2.84
C LYS M 20 -15.96 -12.20 3.01
N CYS M 21 -14.80 -11.89 2.45
CA CYS M 21 -13.68 -12.81 2.48
C CYS M 21 -13.09 -12.88 3.87
N ARG M 22 -12.89 -14.11 4.33
CA ARG M 22 -12.36 -14.43 5.64
C ARG M 22 -11.08 -13.68 6.03
N LYS M 23 -10.31 -13.24 5.04
CA LYS M 23 -9.01 -12.63 5.29
C LYS M 23 -9.07 -11.15 5.63
N ALA M 24 -8.41 -10.81 6.74
CA ALA M 24 -8.21 -9.43 7.20
C ALA M 24 -9.23 -8.43 6.66
N GLY M 25 -8.75 -7.49 5.86
CA GLY M 25 -9.61 -6.47 5.30
C GLY M 25 -9.77 -6.63 3.80
N CYS M 26 -10.29 -7.79 3.40
CA CYS M 26 -10.45 -8.09 1.97
C CYS M 26 -11.76 -7.56 1.38
N VAL M 27 -11.63 -6.87 0.26
CA VAL M 27 -12.75 -6.21 -0.42
C VAL M 27 -13.69 -7.17 -1.14
N TYR M 28 -13.33 -8.44 -1.19
CA TYR M 28 -14.07 -9.37 -2.03
C TYR M 28 -14.89 -10.33 -1.23
N PHE M 29 -15.71 -11.11 -1.92
CA PHE M 29 -16.65 -11.98 -1.24
C PHE M 29 -16.21 -13.40 -1.26
N GLY M 30 -16.25 -14.02 -0.09
CA GLY M 30 -15.82 -15.38 0.07
C GLY M 30 -16.88 -16.35 -0.40
N THR M 31 -16.59 -17.61 -0.20
CA THR M 31 -17.45 -18.69 -0.62
C THR M 31 -17.10 -19.91 0.22
N PRO M 32 -18.13 -20.62 0.70
CA PRO M 32 -17.96 -21.82 1.53
C PRO M 32 -16.93 -22.80 0.98
N GLU M 33 -17.03 -23.18 -0.29
CA GLU M 33 -16.12 -24.19 -0.86
C GLU M 33 -14.69 -23.72 -0.89
N ASN M 34 -14.46 -22.47 -0.49
CA ASN M 34 -13.10 -21.94 -0.37
C ASN M 34 -12.81 -21.61 1.07
N LYS M 35 -13.37 -22.42 1.95
CA LYS M 35 -13.23 -22.24 3.39
C LYS M 35 -13.50 -20.79 3.81
N GLY M 36 -14.25 -20.07 2.97
CA GLY M 36 -14.69 -18.73 3.32
C GLY M 36 -13.84 -17.62 2.73
N PHE M 37 -12.94 -18.00 1.83
CA PHE M 37 -12.06 -17.05 1.16
C PHE M 37 -12.54 -16.66 -0.23
N CYS M 38 -12.08 -15.52 -0.71
CA CYS M 38 -12.24 -15.21 -2.11
C CYS M 38 -11.26 -16.12 -2.83
N THR M 39 -11.35 -16.17 -4.15
CA THR M 39 -10.58 -17.13 -4.96
C THR M 39 -9.07 -17.01 -4.82
N LEU M 40 -8.54 -15.79 -4.86
CA LEU M 40 -7.09 -15.59 -4.70
C LEU M 40 -6.58 -15.71 -3.26
N CYS M 41 -7.36 -15.25 -2.28
CA CYS M 41 -6.98 -15.45 -0.91
C CYS M 41 -6.95 -16.94 -0.62
N PHE M 42 -7.88 -17.66 -1.21
CA PHE M 42 -7.93 -19.09 -1.00
C PHE M 42 -6.71 -19.80 -1.56
N ILE M 43 -6.17 -19.29 -2.67
CA ILE M 43 -4.99 -19.87 -3.26
C ILE M 43 -3.79 -19.53 -2.39
N GLU M 44 -3.76 -18.30 -1.89
CA GLU M 44 -2.73 -17.88 -0.93
C GLU M 44 -2.72 -18.78 0.30
N TYR M 45 -3.91 -19.02 0.85
CA TYR M 45 -4.08 -19.97 1.95
C TYR M 45 -3.52 -21.34 1.61
N ARG M 46 -3.99 -21.88 0.51
CA ARG M 46 -3.61 -23.19 0.03
C ARG M 46 -2.11 -23.31 -0.17
N GLU M 47 -1.49 -22.25 -0.66
CA GLU M 47 -0.05 -22.28 -0.94
C GLU M 47 0.81 -22.24 0.32
N ASN M 48 0.19 -21.86 1.43
CA ASN M 48 0.92 -21.72 2.70
C ASN M 48 0.74 -22.86 3.70
N LYS M 49 -0.18 -23.78 3.44
CA LYS M 49 -0.29 -24.97 4.29
C LYS M 49 0.60 -26.10 3.76
N SER N 19 42.92 1.43 11.04
CA SER N 19 43.01 2.47 12.06
C SER N 19 41.75 2.50 12.93
N LYS N 20 41.94 2.58 14.24
CA LYS N 20 40.82 2.55 15.16
C LYS N 20 39.96 3.80 15.05
N CYS N 21 38.79 3.75 15.68
CA CYS N 21 37.84 4.86 15.65
C CYS N 21 38.34 6.04 16.49
N ARG N 22 38.27 7.22 15.87
CA ARG N 22 38.75 8.48 16.45
C ARG N 22 38.21 8.77 17.84
N LYS N 23 37.06 8.20 18.16
CA LYS N 23 36.37 8.50 19.41
C LYS N 23 36.89 7.72 20.62
N ALA N 24 37.22 8.48 21.67
CA ALA N 24 37.60 7.95 22.99
C ALA N 24 38.14 6.53 22.97
N GLY N 25 37.42 5.64 23.61
CA GLY N 25 37.82 4.24 23.68
C GLY N 25 36.91 3.36 22.87
N CYS N 26 36.80 3.65 21.58
CA CYS N 26 35.92 2.90 20.70
C CYS N 26 36.57 1.64 20.14
N VAL N 27 35.84 0.53 20.29
CA VAL N 27 36.28 -0.80 19.88
C VAL N 27 36.33 -1.03 18.36
N TYR N 28 35.83 -0.08 17.59
CA TYR N 28 35.64 -0.29 16.17
C TYR N 28 36.63 0.48 15.35
N PHE N 29 36.67 0.19 14.06
CA PHE N 29 37.64 0.79 13.18
C PHE N 29 37.09 1.91 12.37
N GLY N 30 37.80 3.02 12.39
CA GLY N 30 37.39 4.17 11.63
C GLY N 30 37.70 4.02 10.16
N THR N 31 37.43 5.10 9.44
CA THR N 31 37.58 5.15 8.00
C THR N 31 37.71 6.63 7.63
N PRO N 32 38.69 6.96 6.76
CA PRO N 32 38.94 8.34 6.30
C PRO N 32 37.66 9.10 5.92
N GLU N 33 36.82 8.51 5.07
CA GLU N 33 35.62 9.19 4.58
C GLU N 33 34.64 9.51 5.69
N ASN N 34 34.93 9.06 6.90
CA ASN N 34 34.10 9.38 8.04
C ASN N 34 34.90 10.19 9.03
N LYS N 35 35.79 11.03 8.49
CA LYS N 35 36.68 11.85 9.33
C LYS N 35 37.38 11.05 10.42
N GLY N 36 37.48 9.73 10.23
CA GLY N 36 38.23 8.86 11.11
C GLY N 36 37.38 8.12 12.14
N PHE N 37 36.07 8.17 11.95
CA PHE N 37 35.11 7.55 12.87
C PHE N 37 34.61 6.23 12.33
N CYS N 38 34.10 5.40 13.23
CA CYS N 38 33.36 4.25 12.78
C CYS N 38 32.03 4.83 12.35
N THR N 39 31.20 4.01 11.71
CA THR N 39 29.96 4.49 11.10
C THR N 39 29.02 5.19 12.06
N LEU N 40 28.78 4.58 13.21
CA LEU N 40 27.86 5.13 14.20
C LEU N 40 28.45 6.30 14.97
N CYS N 41 29.74 6.29 15.25
CA CYS N 41 30.36 7.43 15.90
C CYS N 41 30.32 8.61 14.95
N PHE N 42 30.41 8.31 13.67
CA PHE N 42 30.38 9.35 12.65
C PHE N 42 29.02 10.01 12.55
N ILE N 43 27.98 9.22 12.78
CA ILE N 43 26.63 9.76 12.77
C ILE N 43 26.41 10.60 14.01
N GLU N 44 26.91 10.13 15.14
CA GLU N 44 26.87 10.88 16.39
C GLU N 44 27.53 12.24 16.22
N TYR N 45 28.72 12.23 15.63
CA TYR N 45 29.46 13.45 15.30
C TYR N 45 28.61 14.37 14.43
N ARG N 46 28.13 13.81 13.34
CA ARG N 46 27.34 14.56 12.39
C ARG N 46 26.12 15.19 13.05
N GLU N 47 25.48 14.46 13.96
CA GLU N 47 24.25 14.93 14.58
C GLU N 47 24.48 16.06 15.56
N ASN N 48 25.73 16.22 15.99
CA ASN N 48 26.08 17.22 17.00
C ASN N 48 26.75 18.46 16.42
N THR O 18 23.14 -14.65 -9.74
CA THR O 18 23.16 -14.36 -11.16
C THR O 18 24.56 -13.87 -11.57
N SER O 19 25.42 -14.81 -11.97
CA SER O 19 26.81 -14.48 -12.32
C SER O 19 27.39 -15.26 -13.51
N LYS O 20 27.81 -14.55 -14.55
CA LYS O 20 28.42 -15.21 -15.70
C LYS O 20 29.79 -15.77 -15.38
N CYS O 21 30.12 -16.87 -16.05
CA CYS O 21 31.36 -17.56 -15.79
C CYS O 21 32.54 -16.76 -16.33
N ARG O 22 33.52 -16.52 -15.47
CA ARG O 22 34.70 -15.70 -15.77
C ARG O 22 35.31 -15.91 -17.17
N LYS O 23 35.39 -17.17 -17.60
CA LYS O 23 36.08 -17.53 -18.86
C LYS O 23 35.61 -16.76 -20.09
N ALA O 24 36.39 -16.89 -21.17
CA ALA O 24 36.16 -16.12 -22.39
C ALA O 24 34.72 -16.23 -22.85
N GLY O 25 34.48 -17.04 -23.88
CA GLY O 25 33.12 -17.29 -24.31
C GLY O 25 32.48 -18.45 -23.57
N CYS O 26 32.53 -18.41 -22.23
CA CYS O 26 31.91 -19.48 -21.44
C CYS O 26 30.43 -19.18 -21.10
N VAL O 27 29.57 -20.11 -21.51
CA VAL O 27 28.12 -19.93 -21.50
C VAL O 27 27.50 -20.08 -20.10
N TYR O 28 28.20 -20.75 -19.20
CA TYR O 28 27.59 -21.15 -17.94
C TYR O 28 27.89 -20.28 -16.74
N PHE O 29 27.41 -20.75 -15.60
CA PHE O 29 27.34 -19.92 -14.41
C PHE O 29 28.43 -20.11 -13.41
N GLY O 30 29.28 -19.09 -13.36
CA GLY O 30 30.36 -19.01 -12.40
C GLY O 30 29.84 -18.81 -11.00
N THR O 31 30.42 -19.57 -10.09
CA THR O 31 30.12 -19.43 -8.69
C THR O 31 31.40 -18.90 -8.06
N PRO O 32 31.26 -17.95 -7.13
CA PRO O 32 32.48 -17.44 -6.52
C PRO O 32 33.30 -18.57 -5.91
N GLU O 33 32.66 -19.57 -5.31
CA GLU O 33 33.40 -20.66 -4.68
C GLU O 33 34.29 -21.33 -5.69
N ASN O 34 34.08 -20.97 -6.96
CA ASN O 34 34.95 -21.46 -8.02
C ASN O 34 35.67 -20.29 -8.68
N LYS O 35 35.81 -19.22 -7.89
CA LYS O 35 36.52 -18.03 -8.31
C LYS O 35 35.85 -17.46 -9.55
N GLY O 36 34.52 -17.45 -9.55
CA GLY O 36 33.75 -16.95 -10.68
C GLY O 36 33.74 -17.88 -11.88
N PHE O 37 34.47 -19.00 -11.76
CA PHE O 37 34.57 -20.01 -12.81
C PHE O 37 33.39 -20.97 -12.78
N CYS O 38 32.95 -21.39 -13.97
CA CYS O 38 31.95 -22.42 -14.06
C CYS O 38 32.60 -23.70 -13.59
N THR O 39 31.76 -24.63 -13.16
CA THR O 39 32.23 -25.83 -12.52
C THR O 39 33.48 -26.44 -13.19
N LEU O 40 33.44 -26.61 -14.51
CA LEU O 40 34.53 -27.30 -15.22
C LEU O 40 35.71 -26.43 -15.64
N CYS O 41 35.50 -25.14 -15.86
CA CYS O 41 36.61 -24.24 -16.09
C CYS O 41 37.40 -24.17 -14.80
N PHE O 42 36.67 -24.24 -13.69
CA PHE O 42 37.35 -24.27 -12.43
C PHE O 42 38.40 -25.37 -12.43
N ILE O 43 37.98 -26.61 -12.59
CA ILE O 43 38.89 -27.75 -12.55
C ILE O 43 40.10 -27.49 -13.43
N GLU O 44 39.84 -26.92 -14.59
CA GLU O 44 40.88 -26.64 -15.54
C GLU O 44 41.83 -25.60 -14.95
N TYR O 45 41.24 -24.65 -14.24
CA TYR O 45 42.02 -23.63 -13.56
C TYR O 45 42.90 -24.29 -12.50
N ARG O 46 42.27 -24.84 -11.47
CA ARG O 46 42.97 -25.60 -10.43
C ARG O 46 43.97 -26.61 -10.94
N GLU O 47 43.81 -27.02 -12.19
CA GLU O 47 44.68 -28.06 -12.76
C GLU O 47 45.87 -27.47 -13.51
N ASN O 48 45.77 -26.20 -13.86
CA ASN O 48 46.90 -25.55 -14.51
C ASN O 48 47.66 -24.74 -13.49
N LYS O 49 46.94 -24.20 -12.50
CA LYS O 49 47.51 -23.43 -11.40
C LYS O 49 48.07 -24.34 -10.30
N SER P 19 -28.85 18.82 -15.46
CA SER P 19 -28.27 18.91 -16.80
C SER P 19 -28.08 17.52 -17.40
N LYS P 20 -28.48 17.37 -18.66
CA LYS P 20 -28.41 16.08 -19.35
C LYS P 20 -26.97 15.62 -19.62
N CYS P 21 -26.82 14.35 -19.96
CA CYS P 21 -25.50 13.80 -20.21
C CYS P 21 -24.92 14.33 -21.49
N ARG P 22 -23.66 14.76 -21.39
CA ARG P 22 -22.92 15.38 -22.48
C ARG P 22 -22.91 14.57 -23.78
N LYS P 23 -23.13 13.27 -23.67
CA LYS P 23 -23.02 12.36 -24.81
C LYS P 23 -24.27 12.31 -25.69
N ALA P 24 -24.05 12.50 -26.99
CA ALA P 24 -25.07 12.35 -28.04
C ALA P 24 -26.51 12.48 -27.56
N GLY P 25 -27.26 11.40 -27.69
CA GLY P 25 -28.64 11.37 -27.25
C GLY P 25 -28.82 10.51 -26.01
N CYS P 26 -28.14 10.87 -24.92
CA CYS P 26 -28.19 10.10 -23.70
C CYS P 26 -29.35 10.51 -22.80
N VAL P 27 -30.10 9.51 -22.34
CA VAL P 27 -31.32 9.69 -21.56
C VAL P 27 -31.04 10.08 -20.11
N TYR P 28 -29.78 10.07 -19.71
CA TYR P 28 -29.46 10.24 -18.30
C TYR P 28 -28.85 11.58 -18.02
N PHE P 29 -28.71 11.88 -16.73
CA PHE P 29 -28.26 13.19 -16.31
C PHE P 29 -26.82 13.19 -15.93
N GLY P 30 -26.10 14.15 -16.48
CA GLY P 30 -24.70 14.30 -16.20
C GLY P 30 -24.44 14.93 -14.85
N THR P 31 -23.16 15.15 -14.59
CA THR P 31 -22.71 15.71 -13.35
C THR P 31 -21.34 16.33 -13.62
N PRO P 32 -21.11 17.55 -13.12
CA PRO P 32 -19.84 18.26 -13.27
C PRO P 32 -18.60 17.39 -13.01
N GLU P 33 -18.55 16.69 -11.86
CA GLU P 33 -17.39 15.87 -11.50
C GLU P 33 -17.13 14.74 -12.46
N ASN P 34 -18.02 14.58 -13.44
CA ASN P 34 -17.82 13.60 -14.48
C ASN P 34 -17.69 14.29 -15.81
N LYS P 35 -17.10 15.48 -15.79
CA LYS P 35 -16.93 16.29 -17.00
C LYS P 35 -18.23 16.43 -17.81
N GLY P 36 -19.36 16.22 -17.14
CA GLY P 36 -20.66 16.44 -17.76
C GLY P 36 -21.34 15.19 -18.28
N PHE P 37 -20.77 14.03 -17.92
CA PHE P 37 -21.32 12.73 -18.34
C PHE P 37 -22.14 12.07 -17.25
N CYS P 38 -23.00 11.15 -17.66
CA CYS P 38 -23.60 10.25 -16.70
C CYS P 38 -22.49 9.29 -16.29
N THR P 39 -22.73 8.50 -15.26
CA THR P 39 -21.67 7.67 -14.69
C THR P 39 -21.03 6.71 -15.70
N LEU P 40 -21.87 6.03 -16.49
CA LEU P 40 -21.37 5.03 -17.44
C LEU P 40 -20.76 5.67 -18.69
N CYS P 41 -21.34 6.76 -19.18
CA CYS P 41 -20.74 7.46 -20.30
C CYS P 41 -19.37 7.98 -19.89
N PHE P 42 -19.27 8.36 -18.62
CA PHE P 42 -18.01 8.89 -18.09
C PHE P 42 -16.94 7.84 -18.03
N ILE P 43 -17.33 6.61 -17.73
CA ILE P 43 -16.39 5.50 -17.72
C ILE P 43 -15.97 5.17 -19.14
N GLU P 44 -16.94 5.21 -20.06
CA GLU P 44 -16.67 5.04 -21.47
C GLU P 44 -15.64 6.05 -21.94
N TYR P 45 -15.88 7.32 -21.62
CA TYR P 45 -14.95 8.39 -21.92
C TYR P 45 -13.55 8.10 -21.38
N ARG P 46 -13.51 7.81 -20.09
CA ARG P 46 -12.28 7.52 -19.37
C ARG P 46 -11.49 6.37 -19.99
N GLU P 47 -12.22 5.34 -20.44
CA GLU P 47 -11.59 4.16 -21.02
C GLU P 47 -11.00 4.41 -22.41
N ASN P 48 -11.42 5.49 -23.05
CA ASN P 48 -10.98 5.78 -24.41
C ASN P 48 -9.96 6.91 -24.48
N LYS P 49 -9.98 7.79 -23.47
CA LYS P 49 -9.00 8.85 -23.33
C LYS P 49 -7.88 8.36 -22.42
ZN ZN Q . 3.99 4.96 0.98
ZN ZN R . -15.03 47.37 11.33
ZN ZN S . -7.92 20.14 27.95
ZN ZN T . 2.18 -28.43 -26.10
ZN ZN U . -9.79 -12.21 0.17
ZN ZN V . 33.47 4.52 17.23
ZN ZN W . 33.19 -21.65 -17.43
ZN ZN X . -24.66 9.52 -20.77
#